data_8S82
#
_entry.id   8S82
#
_cell.length_a   1.00
_cell.length_b   1.00
_cell.length_c   1.00
_cell.angle_alpha   90.00
_cell.angle_beta   90.00
_cell.angle_gamma   90.00
#
_symmetry.space_group_name_H-M   'P 1'
#
loop_
_entity.id
_entity.type
_entity.pdbx_description
1 polymer 'ATP-dependent DNA helicase II subunit 1'
2 polymer 'ATP-dependent DNA helicase II subunit 2'
3 polymer "DNA (5'-D(*GP*TP*GP*GP*TP*GP*TP*GP*TP*GP*GP*GP*TP*GP*TP*GP*TP*GP*TP*GP*T)-3')"
4 polymer "DNA (5'-D(*AP*CP*AP*CP*AP*CP*AP*CP*AP*CP*CP*CP*AP*CP*AP*CP*AP*CP*CP*AP*C)-3')"
#
loop_
_entity_poly.entity_id
_entity_poly.type
_entity_poly.pdbx_seq_one_letter_code
_entity_poly.pdbx_strand_id
1 'polypeptide(L)'
;MRSVTNAFGNSGELNDQVDETGYRKFDIHEGILFCIELSETMFKESSDLEYKSPLLEILESLDELMSQLVITRPGTAIGC
YFYYCNREDAKEGIYELFPLRDINATFMKKLNDLLEDLSSGRISLYDYFMFQQTGSEKQVRLSVLFTFMLDTFLEEIPGQ
KQLSNKRVFLFTDIDKPQEAQDIDERARLRRLTIDLFDNKVNFATFFIGYADKPFDNEFYSDILQLGSHTNENTGLDSEF
DGPSTKPIDAKYIKSRILRKKEVKRIMFQCPLILDEKTNFIVGVKGYTMYTHEKAGVRYKLVYEHEDIRQEAYSKRKFLN
PITGEDVTGKTVKVYPYGDLDINLSDSQDQIVMEAYTQKDAFLKIIGFRSSSKSIHYFNNIDKSSFIVPDEAKYEGSIRT
LASLLKILRKKDKIAILWGKLKSNSHPSLYTLSPSSVKDYNEGFYLYRVPFLDEIRKFPSLLSYDDGSEHKLDYDNMKKV
TQSIMGYFNLRDGYNPSDFKNPLLQKHYKVLHDYLLQIETTFDENETPNTKKDRMMREDDSLRKLYYIRNKILESEKSED
PIIQRLNKYVKIWNMFYKKFNDDNISIKEEKKPFDKKPKFNI
;
K
2 'polypeptide(L)'
;MSSESTTFIVDVSPSMMKNNNVSKSMAYLEYTLLNKSKKSRKTDWISCYLANCPVSENSQEIPNVFQIQSFLAPVTTTAT
IGFIKRLKQYCDQHSHDSSNEGLQSMIQCLLVVSLDIKQQFQARKILKQIVVFTDNLDDLDITDEEIDLLTEELSTRIIL
IDCGKDTQEERKKSNWLKLVEAIPNSRIYNMNELLVEITSPATSVVKPVRVFSGELRLGADILSTQTSNPSGSMQDENCL
CIKVEAFPATKAVSGLNRKTAVEVEDSQKKERYVGVKSIIEYEIHNEGNKKNVSEDDQSGSSYIPVTISKDSVTKAYRYG
ADYVVLPSVLVDQTVYESFPGLDLRGFLNREALPRYFLTSESSFITADTRLGCQSDLMAFSALVDVMLENRKIAVARYVS
KKDSEVNMCALCPVLIEHSNINSEKKFVKSLTLCRLPFAEDERVTDFPKLLDRTTTSGVPLKKETDGHQIDELMEQFVDS
MDTDELPEIPLGNYYQPIGEVTTDTTLPLPSLNKDQEENKKDPLRIPTVFVYRQQQVLLEWIHQLMINDSREFEIPELPD
SLKNKISPYTHKKFDSTKLVEVLGIKKVDKLKLDSELKTELEREKIPDLETLLKRGEQHSRGSPNNSNN
;
L
3 'polydeoxyribonucleotide'
;(DG)(DT)(DG)(DG)(DT)(DG)(DT)(DG)(DT)(DG)(DG)(DG)(DT)(DG)(DT)(DG)(DT)(DG)(DT)(DG)
(DT)
;
D
4 'polydeoxyribonucleotide'
;(DA)(DC)(DA)(DC)(DA)(DC)(DA)(DC)(DA)(DC)(DC)(DC)(DA)(DC)(DA)(DC)(DA)(DC)(DC)(DA)
(DC)
;
C
#
loop_
_chem_comp.id
_chem_comp.type
_chem_comp.name
_chem_comp.formula
DA DNA linking 2'-DEOXYADENOSINE-5'-MONOPHOSPHATE 'C10 H14 N5 O6 P'
DC DNA linking 2'-DEOXYCYTIDINE-5'-MONOPHOSPHATE 'C9 H14 N3 O7 P'
DG DNA linking 2'-DEOXYGUANOSINE-5'-MONOPHOSPHATE 'C10 H14 N5 O7 P'
DT DNA linking THYMIDINE-5'-MONOPHOSPHATE 'C10 H15 N2 O8 P'
#
# COMPACT_ATOMS: atom_id res chain seq x y z
N ILE A 28 -12.91 -19.24 6.57
CA ILE A 28 -11.78 -19.90 5.95
C ILE A 28 -12.25 -20.82 4.83
N HIS A 29 -13.07 -21.81 5.19
CA HIS A 29 -13.62 -22.75 4.23
C HIS A 29 -15.12 -22.57 4.17
N GLU A 30 -15.63 -22.32 2.96
CA GLU A 30 -17.02 -21.95 2.77
C GLU A 30 -17.71 -22.96 1.86
N GLY A 31 -19.01 -23.14 2.08
CA GLY A 31 -19.82 -24.01 1.26
C GLY A 31 -21.14 -23.38 0.87
N ILE A 32 -21.54 -23.57 -0.38
CA ILE A 32 -22.79 -23.03 -0.91
C ILE A 32 -23.61 -24.19 -1.47
N LEU A 33 -24.91 -24.18 -1.20
CA LEU A 33 -25.82 -25.20 -1.69
C LEU A 33 -26.89 -24.51 -2.54
N PHE A 34 -26.71 -24.55 -3.87
CA PHE A 34 -27.76 -24.10 -4.78
C PHE A 34 -28.90 -25.10 -4.75
N CYS A 35 -30.09 -24.65 -4.38
CA CYS A 35 -31.29 -25.47 -4.38
C CYS A 35 -32.31 -24.77 -5.26
N ILE A 36 -32.58 -25.34 -6.43
CA ILE A 36 -33.39 -24.68 -7.45
C ILE A 36 -34.70 -25.44 -7.59
N GLU A 37 -35.82 -24.73 -7.46
CA GLU A 37 -37.14 -25.33 -7.56
C GLU A 37 -37.68 -25.15 -8.97
N LEU A 38 -37.95 -26.27 -9.65
CA LEU A 38 -38.48 -26.23 -11.00
C LEU A 38 -39.98 -25.96 -10.99
N SER A 39 -40.43 -25.12 -11.89
CA SER A 39 -41.84 -24.81 -12.04
C SER A 39 -42.15 -24.62 -13.52
N GLU A 40 -43.45 -24.48 -13.83
CA GLU A 40 -43.85 -24.31 -15.21
C GLU A 40 -43.31 -23.02 -15.80
N THR A 41 -43.34 -21.93 -15.03
CA THR A 41 -42.79 -20.67 -15.52
C THR A 41 -41.27 -20.65 -15.45
N MET A 42 -40.69 -21.57 -14.66
CA MET A 42 -39.24 -21.59 -14.51
C MET A 42 -38.54 -21.85 -15.83
N PHE A 43 -39.01 -22.84 -16.59
CA PHE A 43 -38.43 -23.13 -17.90
C PHE A 43 -38.86 -22.09 -18.92
N LYS A 44 -39.95 -21.38 -18.65
CA LYS A 44 -40.49 -20.41 -19.60
C LYS A 44 -39.52 -19.24 -19.73
N GLU A 45 -39.16 -18.91 -20.98
CA GLU A 45 -38.23 -17.82 -21.22
C GLU A 45 -38.89 -16.49 -20.93
N SER A 46 -38.11 -15.41 -20.89
CA SER A 46 -38.64 -14.10 -20.58
C SER A 46 -38.19 -13.11 -21.63
N SER A 47 -39.10 -12.21 -22.01
CA SER A 47 -38.77 -11.19 -23.01
C SER A 47 -37.80 -10.17 -22.44
N ASP A 48 -37.97 -9.82 -21.16
CA ASP A 48 -37.04 -8.88 -20.53
C ASP A 48 -35.65 -9.50 -20.39
N LEU A 49 -35.58 -10.83 -20.30
CA LEU A 49 -34.31 -11.53 -20.15
C LEU A 49 -33.68 -11.89 -21.49
N GLU A 50 -34.22 -11.35 -22.60
CA GLU A 50 -33.68 -11.49 -23.95
C GLU A 50 -33.34 -12.95 -24.28
N TYR A 51 -34.40 -13.75 -24.35
CA TYR A 51 -34.34 -15.15 -24.74
C TYR A 51 -33.40 -15.93 -23.83
N LYS A 52 -33.53 -15.68 -22.54
CA LYS A 52 -32.85 -16.47 -21.51
C LYS A 52 -33.88 -16.89 -20.46
N SER A 53 -34.03 -18.20 -20.29
CA SER A 53 -34.93 -18.70 -19.27
C SER A 53 -34.33 -18.43 -17.88
N PRO A 54 -35.17 -18.26 -16.86
CA PRO A 54 -34.61 -18.13 -15.50
C PRO A 54 -33.75 -19.31 -15.10
N LEU A 55 -34.13 -20.53 -15.47
CA LEU A 55 -33.29 -21.69 -15.17
C LEU A 55 -31.98 -21.62 -15.92
N LEU A 56 -32.01 -21.25 -17.21
CA LEU A 56 -30.79 -21.08 -17.97
C LEU A 56 -29.94 -19.95 -17.40
N GLU A 57 -30.58 -18.87 -16.97
CA GLU A 57 -29.85 -17.76 -16.37
C GLU A 57 -29.16 -18.20 -15.08
N ILE A 58 -29.85 -18.98 -14.27
CA ILE A 58 -29.24 -19.51 -13.04
C ILE A 58 -28.07 -20.41 -13.36
N LEU A 59 -28.21 -21.29 -14.36
CA LEU A 59 -27.09 -22.17 -14.72
C LEU A 59 -25.89 -21.38 -15.24
N GLU A 60 -26.14 -20.38 -16.08
CA GLU A 60 -25.05 -19.56 -16.59
C GLU A 60 -24.36 -18.78 -15.48
N SER A 61 -25.15 -18.24 -14.54
CA SER A 61 -24.57 -17.54 -13.40
C SER A 61 -23.77 -18.48 -12.51
N LEU A 62 -24.26 -19.71 -12.30
CA LEU A 62 -23.50 -20.68 -11.52
C LEU A 62 -22.18 -21.02 -12.18
N ASP A 63 -22.18 -21.21 -13.50
CA ASP A 63 -20.93 -21.52 -14.20
C ASP A 63 -19.96 -20.36 -14.14
N GLU A 64 -20.45 -19.13 -14.34
CA GLU A 64 -19.59 -17.95 -14.25
C GLU A 64 -19.03 -17.80 -12.83
N LEU A 65 -19.87 -18.02 -11.83
CA LEU A 65 -19.45 -17.92 -10.45
C LEU A 65 -18.37 -18.95 -10.12
N MET A 66 -18.53 -20.19 -10.60
CA MET A 66 -17.50 -21.19 -10.37
C MET A 66 -16.20 -20.80 -11.06
N SER A 67 -16.28 -20.26 -12.27
CA SER A 67 -15.07 -19.83 -12.97
C SER A 67 -14.36 -18.72 -12.21
N GLN A 68 -15.12 -17.77 -11.65
CA GLN A 68 -14.51 -16.68 -10.89
C GLN A 68 -13.92 -17.17 -9.57
N LEU A 69 -14.60 -18.12 -8.93
CA LEU A 69 -14.14 -18.59 -7.62
C LEU A 69 -12.93 -19.49 -7.76
N VAL A 70 -12.76 -20.14 -8.92
CA VAL A 70 -11.54 -20.93 -9.10
C VAL A 70 -10.32 -20.01 -9.17
N ILE A 71 -10.53 -18.73 -9.46
CA ILE A 71 -9.42 -17.77 -9.47
C ILE A 71 -9.28 -17.11 -8.12
N THR A 72 -10.32 -16.43 -7.66
CA THR A 72 -10.20 -15.60 -6.47
C THR A 72 -10.18 -16.42 -5.19
N ARG A 73 -11.20 -17.25 -4.98
CA ARG A 73 -11.36 -17.98 -3.72
C ARG A 73 -11.56 -19.46 -4.00
N PRO A 74 -10.49 -20.18 -4.32
CA PRO A 74 -10.59 -21.63 -4.47
C PRO A 74 -10.79 -22.28 -3.11
N GLY A 75 -11.00 -23.59 -3.13
CA GLY A 75 -11.28 -24.29 -1.90
C GLY A 75 -12.62 -23.87 -1.32
N THR A 76 -13.56 -23.58 -2.21
CA THR A 76 -14.95 -23.34 -1.84
C THR A 76 -15.80 -24.50 -2.34
N ALA A 77 -16.62 -25.04 -1.44
CA ALA A 77 -17.53 -26.12 -1.77
C ALA A 77 -18.77 -25.54 -2.41
N ILE A 78 -19.20 -26.11 -3.53
CA ILE A 78 -20.44 -25.72 -4.18
C ILE A 78 -21.19 -26.98 -4.59
N GLY A 79 -22.46 -27.04 -4.23
CA GLY A 79 -23.34 -28.09 -4.72
C GLY A 79 -24.50 -27.46 -5.44
N CYS A 80 -25.05 -28.19 -6.40
CA CYS A 80 -26.22 -27.72 -7.14
C CYS A 80 -27.22 -28.86 -7.24
N TYR A 81 -28.45 -28.59 -6.80
CA TYR A 81 -29.54 -29.56 -6.72
C TYR A 81 -30.81 -28.95 -7.32
N PHE A 82 -31.63 -29.79 -7.93
CA PHE A 82 -32.88 -29.37 -8.57
C PHE A 82 -34.03 -30.20 -8.02
N TYR A 83 -35.19 -29.57 -7.87
CA TYR A 83 -36.41 -30.26 -7.45
C TYR A 83 -37.61 -29.48 -7.93
N TYR A 84 -38.72 -30.17 -8.19
CA TYR A 84 -38.85 -31.61 -8.11
C TYR A 84 -38.56 -32.21 -9.47
N CYS A 85 -37.63 -33.17 -9.52
CA CYS A 85 -37.22 -33.80 -10.76
C CYS A 85 -37.79 -35.20 -10.86
N ASN A 86 -38.53 -35.47 -11.93
CA ASN A 86 -39.01 -36.82 -12.19
C ASN A 86 -37.96 -37.65 -12.91
N ARG A 87 -36.81 -37.04 -13.19
CA ARG A 87 -35.67 -37.70 -13.82
C ARG A 87 -35.33 -38.99 -13.09
N GLU A 88 -34.89 -40.02 -13.84
CA GLU A 88 -34.63 -41.32 -13.23
C GLU A 88 -33.54 -41.27 -12.17
N ASP A 89 -32.46 -40.54 -12.42
CA ASP A 89 -31.44 -40.33 -11.41
C ASP A 89 -31.93 -39.30 -10.40
N ALA A 90 -32.39 -39.76 -9.24
CA ALA A 90 -32.93 -38.85 -8.24
C ALA A 90 -32.86 -39.45 -6.85
N LYS A 91 -33.38 -38.70 -5.87
CA LYS A 91 -33.42 -39.13 -4.48
C LYS A 91 -34.80 -38.87 -3.90
N GLU A 92 -35.84 -39.34 -4.61
CA GLU A 92 -37.24 -39.01 -4.35
C GLU A 92 -37.53 -37.58 -4.75
N GLY A 93 -36.94 -37.13 -5.86
CA GLY A 93 -37.24 -35.83 -6.41
C GLY A 93 -36.18 -34.78 -6.27
N ILE A 94 -35.02 -35.12 -5.70
CA ILE A 94 -33.94 -34.16 -5.50
C ILE A 94 -32.80 -34.61 -6.41
N TYR A 95 -32.75 -34.04 -7.61
CA TYR A 95 -31.69 -34.36 -8.56
C TYR A 95 -30.55 -33.35 -8.39
N GLU A 96 -29.33 -33.86 -8.19
CA GLU A 96 -28.17 -33.02 -8.00
C GLU A 96 -27.45 -32.85 -9.32
N LEU A 97 -27.29 -31.61 -9.77
CA LEU A 97 -26.36 -31.36 -10.86
C LEU A 97 -24.95 -31.71 -10.42
N PHE A 98 -24.58 -31.34 -9.19
CA PHE A 98 -23.34 -31.88 -8.64
C PHE A 98 -23.30 -31.75 -7.12
N PRO A 99 -22.64 -32.67 -6.42
CA PRO A 99 -22.68 -32.68 -4.96
C PRO A 99 -21.93 -31.51 -4.35
N LEU A 100 -21.99 -31.44 -3.03
CA LEU A 100 -21.33 -30.38 -2.27
C LEU A 100 -19.86 -30.72 -2.09
N ARG A 101 -19.09 -30.45 -3.14
CA ARG A 101 -17.66 -30.68 -3.15
C ARG A 101 -16.92 -29.39 -3.50
N ASP A 102 -15.63 -29.37 -3.18
CA ASP A 102 -14.79 -28.24 -3.55
C ASP A 102 -14.73 -28.09 -5.06
N ILE A 103 -14.59 -26.85 -5.51
CA ILE A 103 -14.59 -26.53 -6.93
C ILE A 103 -13.50 -27.31 -7.64
N ASN A 104 -13.87 -28.00 -8.72
CA ASN A 104 -12.93 -28.76 -9.53
C ASN A 104 -13.30 -28.63 -11.00
N ALA A 105 -12.35 -28.97 -11.87
CA ALA A 105 -12.55 -28.77 -13.30
C ALA A 105 -13.62 -29.69 -13.86
N THR A 106 -13.80 -30.87 -13.27
CA THR A 106 -14.77 -31.83 -13.82
C THR A 106 -16.20 -31.29 -13.74
N PHE A 107 -16.58 -30.68 -12.62
CA PHE A 107 -17.94 -30.16 -12.49
C PHE A 107 -18.14 -28.93 -13.37
N MET A 108 -17.10 -28.11 -13.52
CA MET A 108 -17.20 -26.96 -14.41
C MET A 108 -17.39 -27.41 -15.86
N LYS A 109 -16.66 -28.45 -16.26
CA LYS A 109 -16.86 -29.03 -17.59
C LYS A 109 -18.25 -29.65 -17.74
N LYS A 110 -18.75 -30.32 -16.69
CA LYS A 110 -20.09 -30.90 -16.74
C LYS A 110 -21.15 -29.83 -16.93
N LEU A 111 -21.04 -28.71 -16.22
CA LEU A 111 -21.95 -27.60 -16.40
C LEU A 111 -21.82 -26.96 -17.77
N ASN A 112 -20.59 -26.78 -18.26
CA ASN A 112 -20.37 -26.15 -19.55
C ASN A 112 -20.90 -27.01 -20.70
N ASP A 113 -20.76 -28.34 -20.59
CA ASP A 113 -21.32 -29.22 -21.62
C ASP A 113 -22.85 -29.09 -21.67
N LEU A 114 -23.49 -29.04 -20.51
CA LEU A 114 -24.94 -28.87 -20.48
C LEU A 114 -25.34 -27.53 -21.09
N LEU A 115 -24.61 -26.47 -20.76
CA LEU A 115 -24.92 -25.16 -21.33
C LEU A 115 -24.72 -25.16 -22.84
N GLU A 116 -23.69 -25.86 -23.32
CA GLU A 116 -23.43 -25.93 -24.76
C GLU A 116 -24.51 -26.72 -25.47
N ASP A 117 -24.97 -27.81 -24.86
CA ASP A 117 -26.07 -28.58 -25.44
C ASP A 117 -27.34 -27.73 -25.50
N LEU A 118 -27.59 -26.95 -24.45
CA LEU A 118 -28.76 -26.08 -24.45
C LEU A 118 -28.66 -25.00 -25.53
N SER A 119 -27.48 -24.41 -25.69
CA SER A 119 -27.31 -23.33 -26.68
C SER A 119 -27.38 -23.86 -28.11
N SER A 120 -26.76 -25.00 -28.37
CA SER A 120 -26.73 -25.55 -29.72
C SER A 120 -28.06 -26.16 -30.13
N GLY A 121 -28.98 -26.36 -29.20
CA GLY A 121 -30.27 -26.93 -29.51
C GLY A 121 -30.31 -28.44 -29.56
N ARG A 122 -29.22 -29.12 -29.19
CA ARG A 122 -29.22 -30.57 -29.16
C ARG A 122 -30.15 -31.14 -28.09
N ILE A 123 -30.21 -30.50 -26.93
CA ILE A 123 -31.16 -30.83 -25.87
C ILE A 123 -31.77 -29.53 -25.37
N SER A 124 -32.94 -29.63 -24.74
CA SER A 124 -33.61 -28.49 -24.17
C SER A 124 -33.83 -28.72 -22.68
N LEU A 125 -34.03 -27.63 -21.95
CA LEU A 125 -34.22 -27.72 -20.50
C LEU A 125 -35.43 -28.57 -20.15
N TYR A 126 -36.50 -28.49 -20.96
CA TYR A 126 -37.65 -29.36 -20.76
C TYR A 126 -37.24 -30.83 -20.91
N ASP A 127 -36.46 -31.14 -21.94
CA ASP A 127 -36.05 -32.51 -22.19
C ASP A 127 -34.99 -32.97 -21.19
N TYR A 128 -34.05 -32.07 -20.85
CA TYR A 128 -32.93 -32.46 -20.00
C TYR A 128 -33.40 -32.87 -18.61
N PHE A 129 -34.34 -32.12 -18.04
CA PHE A 129 -34.89 -32.46 -16.74
C PHE A 129 -36.08 -33.40 -16.84
N MET A 130 -36.44 -33.85 -18.04
CA MET A 130 -37.60 -34.69 -18.29
C MET A 130 -38.86 -34.03 -17.71
N PHE A 131 -38.94 -32.72 -17.91
CA PHE A 131 -40.02 -31.90 -17.38
C PHE A 131 -40.88 -31.44 -18.55
N GLN A 132 -42.16 -31.80 -18.52
CA GLN A 132 -43.12 -31.42 -19.55
C GLN A 132 -44.33 -30.78 -18.90
N GLN A 133 -45.05 -29.97 -19.69
CA GLN A 133 -46.25 -29.30 -19.22
C GLN A 133 -47.39 -30.32 -19.19
N THR A 134 -47.48 -31.05 -18.09
CA THR A 134 -48.48 -32.09 -17.90
C THR A 134 -49.33 -31.81 -16.66
N GLY A 135 -49.76 -30.56 -16.50
CA GLY A 135 -50.70 -30.22 -15.46
C GLY A 135 -50.18 -30.28 -14.04
N SER A 136 -49.22 -29.41 -13.71
CA SER A 136 -48.74 -29.25 -12.34
C SER A 136 -48.19 -30.56 -11.77
N GLU A 137 -47.11 -31.07 -12.35
CA GLU A 137 -46.43 -32.26 -11.85
C GLU A 137 -46.13 -32.18 -10.36
N LYS A 138 -45.94 -33.34 -9.73
CA LYS A 138 -45.69 -33.46 -8.29
C LYS A 138 -44.74 -32.41 -7.76
N GLN A 139 -45.14 -31.75 -6.68
CA GLN A 139 -44.30 -30.77 -6.00
C GLN A 139 -43.62 -31.41 -4.80
N VAL A 140 -42.41 -30.93 -4.49
CA VAL A 140 -41.64 -31.51 -3.40
C VAL A 140 -42.21 -31.06 -2.07
N ARG A 141 -42.15 -31.95 -1.09
CA ARG A 141 -42.53 -31.61 0.29
C ARG A 141 -41.38 -30.88 0.95
N LEU A 142 -41.67 -29.75 1.58
CA LEU A 142 -40.61 -28.93 2.15
C LEU A 142 -39.96 -29.61 3.35
N SER A 143 -40.68 -30.49 4.04
CA SER A 143 -40.09 -31.16 5.20
C SER A 143 -38.88 -32.00 4.80
N VAL A 144 -39.04 -32.87 3.81
CA VAL A 144 -37.91 -33.66 3.34
C VAL A 144 -36.88 -32.77 2.66
N LEU A 145 -37.30 -31.65 2.07
CA LEU A 145 -36.35 -30.72 1.47
C LEU A 145 -35.38 -30.16 2.51
N PHE A 146 -35.91 -29.64 3.61
CA PHE A 146 -35.04 -29.11 4.65
C PHE A 146 -34.29 -30.21 5.39
N THR A 147 -34.87 -31.41 5.51
CA THR A 147 -34.12 -32.53 6.06
C THR A 147 -32.92 -32.86 5.19
N PHE A 148 -33.10 -32.86 3.87
CA PHE A 148 -31.99 -33.10 2.95
C PHE A 148 -30.95 -31.98 3.03
N MET A 149 -31.42 -30.73 3.17
CA MET A 149 -30.48 -29.63 3.35
C MET A 149 -29.64 -29.80 4.60
N LEU A 150 -30.24 -30.24 5.70
CA LEU A 150 -29.46 -30.50 6.91
C LEU A 150 -28.51 -31.68 6.71
N ASP A 151 -28.98 -32.73 6.06
CA ASP A 151 -28.18 -33.95 5.91
C ASP A 151 -26.96 -33.69 5.04
N THR A 152 -27.11 -32.89 3.97
CA THR A 152 -25.99 -32.63 3.07
C THR A 152 -24.84 -31.92 3.78
N PHE A 153 -25.15 -30.93 4.61
CA PHE A 153 -24.11 -30.26 5.39
C PHE A 153 -23.60 -31.11 6.55
N LEU A 154 -24.46 -31.94 7.14
CA LEU A 154 -24.04 -32.77 8.26
C LEU A 154 -23.17 -33.95 7.84
N GLU A 155 -23.23 -34.35 6.57
CA GLU A 155 -22.42 -35.47 6.09
C GLU A 155 -20.96 -35.05 6.05
N GLU A 156 -20.07 -36.05 6.22
CA GLU A 156 -18.63 -35.80 6.25
C GLU A 156 -17.99 -36.55 5.09
N ILE A 157 -17.90 -35.87 3.95
CA ILE A 157 -17.22 -36.41 2.78
C ILE A 157 -15.73 -36.49 3.10
N PRO A 158 -15.09 -37.65 2.93
CA PRO A 158 -13.69 -37.78 3.34
C PRO A 158 -12.74 -36.87 2.60
N GLY A 159 -13.04 -36.51 1.35
CA GLY A 159 -12.13 -35.73 0.54
C GLY A 159 -11.79 -34.36 1.08
N GLN A 160 -12.79 -33.64 1.60
CA GLN A 160 -12.61 -32.26 2.04
C GLN A 160 -12.85 -32.16 3.54
N LYS A 161 -12.18 -31.19 4.16
CA LYS A 161 -12.35 -30.92 5.58
C LYS A 161 -13.72 -30.28 5.85
N GLN A 162 -14.06 -30.13 7.12
CA GLN A 162 -15.37 -29.58 7.48
C GLN A 162 -15.47 -28.13 7.03
N LEU A 163 -16.67 -27.74 6.59
CA LEU A 163 -16.92 -26.39 6.10
C LEU A 163 -17.02 -25.45 7.29
N SER A 164 -16.28 -24.34 7.24
CA SER A 164 -16.38 -23.34 8.29
C SER A 164 -17.67 -22.53 8.17
N ASN A 165 -18.05 -22.16 6.95
CA ASN A 165 -19.26 -21.40 6.69
C ASN A 165 -20.16 -22.22 5.78
N LYS A 166 -21.46 -22.17 6.03
CA LYS A 166 -22.45 -22.93 5.27
C LYS A 166 -23.55 -21.98 4.83
N ARG A 167 -23.91 -22.03 3.54
CA ARG A 167 -24.98 -21.20 3.02
C ARG A 167 -25.85 -22.01 2.07
N VAL A 168 -27.12 -21.65 1.97
CA VAL A 168 -28.04 -22.26 1.02
C VAL A 168 -28.61 -21.16 0.14
N PHE A 169 -28.40 -21.28 -1.16
CA PHE A 169 -28.95 -20.34 -2.13
C PHE A 169 -30.25 -20.94 -2.65
N LEU A 170 -31.37 -20.39 -2.19
CA LEU A 170 -32.69 -20.96 -2.44
C LEU A 170 -33.33 -20.23 -3.60
N PHE A 171 -33.43 -20.89 -4.75
CA PHE A 171 -34.14 -20.35 -5.90
C PHE A 171 -35.52 -20.97 -5.97
N THR A 172 -36.55 -20.13 -5.90
CA THR A 172 -37.92 -20.61 -5.84
C THR A 172 -38.81 -19.61 -6.57
N ASP A 173 -39.75 -20.15 -7.34
CA ASP A 173 -40.73 -19.35 -8.05
C ASP A 173 -42.15 -19.64 -7.59
N ILE A 174 -42.33 -20.55 -6.64
CA ILE A 174 -43.65 -20.93 -6.14
C ILE A 174 -43.75 -20.39 -4.72
N ASP A 175 -44.37 -19.23 -4.58
CA ASP A 175 -44.48 -18.58 -3.27
C ASP A 175 -45.55 -19.20 -2.37
N LYS A 176 -46.49 -19.94 -2.93
CA LYS A 176 -47.59 -20.52 -2.16
C LYS A 176 -47.70 -22.01 -2.47
N PRO A 177 -46.81 -22.82 -1.89
CA PRO A 177 -46.92 -24.28 -2.07
C PRO A 177 -48.08 -24.86 -1.29
N GLN A 178 -48.12 -26.19 -1.25
CA GLN A 178 -49.16 -26.89 -0.50
C GLN A 178 -49.07 -26.59 0.98
N GLU A 179 -47.85 -26.42 1.50
CA GLU A 179 -47.66 -26.19 2.92
C GLU A 179 -48.11 -24.79 3.34
N ALA A 180 -48.35 -23.92 2.35
CA ALA A 180 -48.71 -22.53 2.67
C ALA A 180 -50.10 -22.41 3.27
N GLN A 181 -51.04 -23.25 2.87
CA GLN A 181 -52.40 -23.19 3.40
C GLN A 181 -52.57 -23.89 4.73
N ASP A 182 -51.61 -24.71 5.15
CA ASP A 182 -51.68 -25.40 6.42
C ASP A 182 -51.16 -24.50 7.54
N ILE A 183 -51.31 -24.98 8.78
CA ILE A 183 -50.84 -24.24 9.95
C ILE A 183 -49.85 -25.09 10.72
N ASP A 184 -50.23 -26.34 11.01
CA ASP A 184 -49.33 -27.25 11.71
C ASP A 184 -48.10 -27.56 10.87
N GLU A 185 -48.29 -27.73 9.56
CA GLU A 185 -47.15 -27.94 8.67
C GLU A 185 -46.23 -26.73 8.67
N ARG A 186 -46.81 -25.52 8.78
CA ARG A 186 -45.99 -24.33 8.92
C ARG A 186 -45.14 -24.39 10.18
N ALA A 187 -45.72 -24.87 11.29
CA ALA A 187 -44.96 -25.01 12.53
C ALA A 187 -43.83 -26.01 12.37
N ARG A 188 -44.10 -27.14 11.70
CA ARG A 188 -43.05 -28.13 11.47
C ARG A 188 -41.93 -27.56 10.60
N LEU A 189 -42.30 -26.82 9.55
CA LEU A 189 -41.29 -26.22 8.68
C LEU A 189 -40.46 -25.20 9.44
N ARG A 190 -41.10 -24.41 10.31
CA ARG A 190 -40.37 -23.44 11.10
C ARG A 190 -39.43 -24.13 12.09
N ARG A 191 -39.86 -25.25 12.65
CA ARG A 191 -38.98 -26.03 13.51
C ARG A 191 -37.78 -26.54 12.73
N LEU A 192 -37.99 -27.01 11.51
CA LEU A 192 -36.88 -27.45 10.67
C LEU A 192 -35.94 -26.30 10.36
N THR A 193 -36.48 -25.12 10.07
CA THR A 193 -35.65 -23.95 9.82
C THR A 193 -34.82 -23.58 11.03
N ILE A 194 -35.42 -23.64 12.22
CA ILE A 194 -34.68 -23.36 13.45
C ILE A 194 -33.57 -24.38 13.65
N ASP A 195 -33.87 -25.66 13.40
CA ASP A 195 -32.86 -26.70 13.55
C ASP A 195 -31.70 -26.48 12.59
N LEU A 196 -31.99 -26.10 11.35
CA LEU A 196 -30.93 -25.81 10.39
C LEU A 196 -30.11 -24.61 10.83
N PHE A 197 -30.78 -23.55 11.28
CA PHE A 197 -30.09 -22.34 11.70
C PHE A 197 -29.18 -22.61 12.89
N ASP A 198 -29.60 -23.52 13.77
CA ASP A 198 -28.76 -23.93 14.89
C ASP A 198 -27.48 -24.61 14.44
N ASN A 199 -27.46 -25.17 13.22
CA ASN A 199 -26.25 -25.74 12.66
C ASN A 199 -25.46 -24.73 11.83
N LYS A 200 -25.71 -23.43 12.03
CA LYS A 200 -25.00 -22.33 11.36
C LYS A 200 -25.23 -22.30 9.86
N VAL A 201 -26.34 -22.86 9.38
CA VAL A 201 -26.68 -22.81 7.96
C VAL A 201 -27.53 -21.57 7.72
N ASN A 202 -27.01 -20.64 6.94
CA ASN A 202 -27.66 -19.36 6.71
C ASN A 202 -28.28 -19.36 5.32
N PHE A 203 -29.56 -19.01 5.24
CA PHE A 203 -30.27 -19.00 3.96
C PHE A 203 -30.02 -17.70 3.23
N ALA A 204 -29.80 -17.79 1.92
CA ALA A 204 -29.73 -16.64 1.04
C ALA A 204 -30.79 -16.80 -0.04
N THR A 205 -31.96 -16.21 0.18
CA THR A 205 -33.13 -16.47 -0.65
C THR A 205 -33.01 -15.72 -1.98
N PHE A 206 -33.40 -16.39 -3.06
CA PHE A 206 -33.42 -15.81 -4.39
C PHE A 206 -34.83 -15.96 -4.97
N PHE A 207 -35.82 -15.59 -4.18
CA PHE A 207 -37.21 -15.68 -4.60
C PHE A 207 -37.42 -14.81 -5.84
N ILE A 208 -37.98 -15.40 -6.89
CA ILE A 208 -38.07 -14.76 -8.20
C ILE A 208 -39.42 -14.09 -8.33
N GLY A 209 -39.42 -12.79 -8.56
CA GLY A 209 -40.65 -12.03 -8.71
C GLY A 209 -40.71 -11.27 -10.02
N TYR A 210 -41.71 -11.56 -10.85
CA TYR A 210 -41.88 -10.92 -12.14
C TYR A 210 -42.84 -9.74 -12.04
N ALA A 211 -42.78 -8.88 -13.06
CA ALA A 211 -43.71 -7.75 -13.13
C ALA A 211 -45.15 -8.23 -13.28
N ASP A 212 -45.38 -9.26 -14.10
CA ASP A 212 -46.72 -9.78 -14.30
C ASP A 212 -47.20 -10.63 -13.13
N LYS A 213 -46.30 -11.11 -12.29
CA LYS A 213 -46.67 -11.98 -11.18
C LYS A 213 -45.75 -11.73 -9.99
N PRO A 214 -46.11 -10.83 -9.07
CA PRO A 214 -45.26 -10.56 -7.91
C PRO A 214 -45.15 -11.77 -7.00
N PHE A 215 -44.02 -11.86 -6.31
CA PHE A 215 -43.74 -12.93 -5.36
C PHE A 215 -44.20 -12.50 -3.98
N ASP A 216 -45.26 -13.11 -3.47
CA ASP A 216 -45.73 -12.83 -2.12
C ASP A 216 -44.97 -13.70 -1.12
N ASN A 217 -44.05 -13.07 -0.39
CA ASN A 217 -43.10 -13.79 0.45
C ASN A 217 -43.58 -14.05 1.86
N GLU A 218 -44.87 -13.90 2.13
CA GLU A 218 -45.38 -14.03 3.49
C GLU A 218 -45.13 -15.43 4.05
N PHE A 219 -45.36 -16.46 3.22
CA PHE A 219 -45.18 -17.83 3.70
C PHE A 219 -43.73 -18.10 4.05
N TYR A 220 -42.80 -17.76 3.16
CA TYR A 220 -41.40 -18.01 3.44
C TYR A 220 -40.88 -17.07 4.51
N SER A 221 -41.42 -15.86 4.61
CA SER A 221 -41.05 -14.97 5.70
C SER A 221 -41.43 -15.58 7.05
N ASP A 222 -42.60 -16.22 7.11
CA ASP A 222 -43.01 -16.90 8.34
C ASP A 222 -42.14 -18.12 8.61
N ILE A 223 -41.85 -18.91 7.57
CA ILE A 223 -41.16 -20.19 7.78
C ILE A 223 -39.70 -19.96 8.16
N LEU A 224 -39.02 -19.07 7.45
CA LEU A 224 -37.58 -18.94 7.58
C LEU A 224 -37.14 -18.14 8.79
N GLN A 225 -38.05 -17.42 9.45
CA GLN A 225 -37.69 -16.70 10.66
C GLN A 225 -37.68 -17.64 11.85
N LEU A 226 -37.21 -17.13 12.99
CA LEU A 226 -37.07 -17.93 14.19
C LEU A 226 -38.33 -18.00 15.04
N GLY A 227 -39.51 -17.83 14.44
CA GLY A 227 -40.75 -17.94 15.19
C GLY A 227 -40.95 -16.75 16.10
N SER A 228 -41.68 -16.98 17.18
CA SER A 228 -41.93 -15.97 18.19
C SER A 228 -41.42 -16.46 19.53
N HIS A 229 -40.77 -15.54 20.25
CA HIS A 229 -40.16 -15.87 21.53
C HIS A 229 -40.04 -14.60 22.35
N THR A 230 -40.34 -14.71 23.64
CA THR A 230 -40.35 -13.59 24.56
C THR A 230 -39.45 -13.88 25.76
N ASN A 231 -38.57 -12.93 26.07
CA ASN A 231 -37.72 -12.99 27.25
C ASN A 231 -38.03 -11.80 28.14
N GLU A 232 -38.65 -12.08 29.29
CA GLU A 232 -39.16 -11.05 30.20
C GLU A 232 -40.14 -10.14 29.47
N ASN A 233 -40.35 -8.92 29.97
CA ASN A 233 -41.24 -7.99 29.30
C ASN A 233 -40.49 -6.94 28.48
N THR A 234 -39.28 -6.57 28.90
CA THR A 234 -38.47 -5.61 28.18
C THR A 234 -37.04 -6.09 28.02
N GLY A 235 -36.85 -7.41 28.12
CA GLY A 235 -35.53 -7.98 28.00
C GLY A 235 -35.01 -7.92 26.57
N LEU A 236 -33.72 -8.22 26.42
CA LEU A 236 -33.10 -8.22 25.11
C LEU A 236 -33.69 -9.34 24.25
N ASP A 237 -33.65 -9.12 22.94
CA ASP A 237 -34.23 -10.05 21.98
C ASP A 237 -33.15 -10.55 21.04
N SER A 238 -33.49 -11.57 20.26
CA SER A 238 -32.55 -12.14 19.30
C SER A 238 -32.08 -11.08 18.30
N GLU A 239 -30.79 -11.07 18.03
CA GLU A 239 -30.19 -10.11 17.11
C GLU A 239 -30.34 -10.51 15.65
N PHE A 240 -30.75 -11.74 15.37
CA PHE A 240 -30.92 -12.24 14.02
C PHE A 240 -32.38 -12.60 13.77
N ASP A 241 -32.92 -12.13 12.64
CA ASP A 241 -34.32 -12.44 12.33
C ASP A 241 -34.45 -13.39 11.15
N GLY A 242 -33.36 -14.03 10.72
CA GLY A 242 -33.40 -14.93 9.59
C GLY A 242 -33.04 -14.23 8.29
N PRO A 243 -33.11 -14.97 7.19
CA PRO A 243 -32.77 -14.39 5.87
C PRO A 243 -33.73 -13.30 5.43
N SER A 244 -33.25 -12.38 4.60
CA SER A 244 -34.11 -11.36 4.03
C SER A 244 -34.99 -11.97 2.95
N THR A 245 -36.25 -12.22 3.27
CA THR A 245 -37.15 -12.89 2.34
C THR A 245 -37.67 -11.94 1.27
N LYS A 246 -37.01 -10.80 1.11
CA LYS A 246 -37.40 -9.86 0.06
C LYS A 246 -37.17 -10.49 -1.32
N PRO A 247 -38.19 -10.59 -2.15
CA PRO A 247 -38.00 -11.19 -3.48
C PRO A 247 -37.16 -10.30 -4.39
N ILE A 248 -36.55 -10.94 -5.39
CA ILE A 248 -35.72 -10.24 -6.36
C ILE A 248 -36.35 -10.39 -7.74
N ASP A 249 -36.13 -9.41 -8.60
CA ASP A 249 -36.59 -9.51 -9.98
C ASP A 249 -35.68 -10.45 -10.75
N ALA A 250 -36.21 -11.05 -11.83
CA ALA A 250 -35.46 -12.02 -12.59
C ALA A 250 -34.20 -11.42 -13.23
N LYS A 251 -34.28 -10.19 -13.74
CA LYS A 251 -33.14 -9.60 -14.42
C LYS A 251 -31.95 -9.43 -13.48
N TYR A 252 -32.19 -9.40 -12.16
CA TYR A 252 -31.14 -9.25 -11.18
C TYR A 252 -30.58 -10.57 -10.67
N ILE A 253 -31.13 -11.71 -11.13
CA ILE A 253 -30.75 -13.02 -10.61
C ILE A 253 -29.24 -13.19 -10.65
N LYS A 254 -28.65 -13.07 -11.84
CA LYS A 254 -27.20 -13.18 -11.96
C LYS A 254 -26.50 -12.14 -11.10
N SER A 255 -26.99 -10.90 -11.13
CA SER A 255 -26.39 -9.84 -10.32
C SER A 255 -26.44 -10.19 -8.84
N ARG A 256 -27.46 -10.95 -8.43
CA ARG A 256 -27.57 -11.33 -7.03
C ARG A 256 -26.70 -12.53 -6.67
N ILE A 257 -26.23 -13.29 -7.66
CA ILE A 257 -25.45 -14.47 -7.34
C ILE A 257 -23.97 -14.15 -7.21
N LEU A 258 -23.43 -13.47 -8.23
CA LEU A 258 -22.00 -13.18 -8.24
C LEU A 258 -21.62 -12.22 -7.12
N ARG A 259 -22.58 -11.41 -6.65
CA ARG A 259 -22.29 -10.46 -5.58
C ARG A 259 -22.45 -11.12 -4.23
N LYS A 260 -22.80 -12.40 -4.22
CA LYS A 260 -22.93 -13.12 -2.95
C LYS A 260 -22.04 -14.35 -2.88
N LYS A 261 -21.05 -14.49 -3.77
CA LYS A 261 -20.16 -15.65 -3.79
C LYS A 261 -19.15 -15.64 -2.66
N GLU A 262 -18.82 -14.47 -2.12
CA GLU A 262 -17.74 -14.33 -1.16
C GLU A 262 -18.25 -13.72 0.13
N VAL A 263 -17.86 -14.33 1.26
CA VAL A 263 -18.12 -13.77 2.57
C VAL A 263 -17.04 -12.72 2.85
N LYS A 264 -17.27 -11.87 3.85
CA LYS A 264 -16.29 -10.87 4.23
C LYS A 264 -15.27 -11.49 5.17
N ARG A 265 -13.99 -11.25 4.89
CA ARG A 265 -12.90 -11.76 5.69
C ARG A 265 -12.30 -10.60 6.48
N ILE A 266 -12.22 -10.79 7.79
CA ILE A 266 -11.79 -9.72 8.70
C ILE A 266 -10.28 -9.57 8.61
N MET A 267 -9.82 -8.37 8.31
CA MET A 267 -8.39 -8.10 8.22
C MET A 267 -7.81 -7.69 9.56
N PHE A 268 -8.54 -6.90 10.34
CA PHE A 268 -8.07 -6.54 11.67
C PHE A 268 -9.26 -6.29 12.58
N GLN A 269 -9.03 -6.38 13.89
CA GLN A 269 -10.04 -6.07 14.89
C GLN A 269 -9.37 -5.34 16.04
N CYS A 270 -9.56 -4.03 16.11
CA CYS A 270 -8.75 -3.20 16.99
C CYS A 270 -9.66 -2.25 17.75
N PRO A 271 -9.25 -1.83 18.94
CA PRO A 271 -9.99 -0.78 19.65
C PRO A 271 -9.70 0.59 19.06
N LEU A 272 -10.76 1.36 18.87
CA LEU A 272 -10.66 2.75 18.44
C LEU A 272 -10.84 3.64 19.66
N ILE A 273 -9.81 4.43 19.97
CA ILE A 273 -9.72 5.19 21.20
C ILE A 273 -9.99 6.65 20.90
N LEU A 274 -11.19 7.12 21.23
CA LEU A 274 -11.58 8.47 20.88
C LEU A 274 -11.07 9.47 21.91
N ASP A 275 -11.28 9.20 23.19
CA ASP A 275 -10.67 9.95 24.28
C ASP A 275 -10.27 8.97 25.37
N GLU A 276 -8.98 8.83 25.62
CA GLU A 276 -8.49 7.86 26.60
C GLU A 276 -8.45 8.41 28.02
N LYS A 277 -8.44 9.73 28.18
CA LYS A 277 -8.50 10.31 29.52
C LYS A 277 -9.84 10.06 30.19
N THR A 278 -10.93 10.08 29.41
CA THR A 278 -12.26 9.74 29.90
C THR A 278 -12.67 8.33 29.51
N ASN A 279 -11.70 7.54 29.04
CA ASN A 279 -11.92 6.17 28.58
C ASN A 279 -13.07 6.08 27.58
N PHE A 280 -12.95 6.78 26.46
CA PHE A 280 -13.89 6.69 25.36
C PHE A 280 -13.28 5.80 24.27
N ILE A 281 -13.47 4.49 24.42
CA ILE A 281 -12.87 3.50 23.54
C ILE A 281 -13.94 2.52 23.08
N VAL A 282 -13.99 2.27 21.77
CA VAL A 282 -14.94 1.35 21.16
C VAL A 282 -14.16 0.28 20.41
N GLY A 283 -14.89 -0.67 19.81
CA GLY A 283 -14.26 -1.70 18.99
C GLY A 283 -14.47 -1.39 17.52
N VAL A 284 -13.62 -1.96 16.67
CA VAL A 284 -13.69 -1.72 15.24
C VAL A 284 -13.20 -2.96 14.50
N LYS A 285 -13.91 -3.33 13.44
CA LYS A 285 -13.53 -4.41 12.54
C LYS A 285 -13.13 -3.81 11.20
N GLY A 286 -12.08 -4.36 10.59
CA GLY A 286 -11.63 -3.87 9.31
C GLY A 286 -11.39 -4.97 8.30
N TYR A 287 -11.95 -4.78 7.11
CA TYR A 287 -11.88 -5.69 5.98
C TYR A 287 -11.14 -5.02 4.82
N THR A 288 -10.70 -5.83 3.87
CA THR A 288 -10.03 -5.30 2.69
C THR A 288 -11.02 -5.20 1.54
N MET A 289 -11.23 -3.98 1.05
CA MET A 289 -12.19 -3.74 -0.01
C MET A 289 -11.74 -4.25 -1.36
N TYR A 290 -10.48 -4.03 -1.73
CA TYR A 290 -9.95 -4.43 -3.03
C TYR A 290 -8.53 -4.95 -2.84
N THR A 291 -8.31 -6.21 -3.19
CA THR A 291 -7.00 -6.82 -3.03
C THR A 291 -6.16 -6.64 -4.28
N HIS A 292 -5.03 -7.35 -4.35
CA HIS A 292 -4.17 -7.36 -5.53
C HIS A 292 -3.90 -8.80 -5.89
N GLU A 293 -4.56 -9.29 -6.93
CA GLU A 293 -4.45 -10.70 -7.32
C GLU A 293 -3.32 -10.88 -8.32
N LYS A 294 -2.41 -11.81 -8.01
CA LYS A 294 -1.28 -12.12 -8.86
C LYS A 294 -1.34 -13.57 -9.29
N ALA A 295 -0.79 -13.86 -10.47
CA ALA A 295 -1.02 -15.12 -11.17
C ALA A 295 -0.55 -16.36 -10.40
N GLY A 296 0.74 -16.47 -10.15
CA GLY A 296 1.30 -17.72 -9.66
C GLY A 296 1.43 -17.82 -8.16
N VAL A 297 0.62 -17.06 -7.43
CA VAL A 297 0.70 -17.08 -5.97
C VAL A 297 0.34 -18.45 -5.42
N ARG A 298 -0.73 -19.06 -5.94
CA ARG A 298 -1.18 -20.35 -5.46
C ARG A 298 -0.48 -21.46 -6.23
N TYR A 299 0.40 -22.20 -5.54
CA TYR A 299 1.14 -23.27 -6.19
C TYR A 299 1.53 -24.29 -5.13
N LYS A 300 2.35 -25.26 -5.53
CA LYS A 300 2.86 -26.28 -4.63
C LYS A 300 4.14 -26.86 -5.21
N LEU A 301 5.15 -26.98 -4.36
CA LEU A 301 6.42 -27.61 -4.75
C LEU A 301 6.23 -29.13 -4.69
N VAL A 302 6.36 -29.79 -5.83
CA VAL A 302 6.19 -31.23 -5.92
C VAL A 302 7.49 -31.85 -6.41
N TYR A 303 7.93 -32.88 -5.71
CA TYR A 303 9.07 -33.69 -6.10
C TYR A 303 8.56 -34.95 -6.79
N GLU A 304 9.05 -35.20 -7.99
CA GLU A 304 8.63 -36.34 -8.81
C GLU A 304 9.82 -37.28 -8.95
N HIS A 305 9.62 -38.55 -8.60
CA HIS A 305 10.66 -39.57 -8.71
C HIS A 305 10.05 -40.77 -9.43
N GLU A 306 10.61 -41.09 -10.59
CA GLU A 306 10.10 -42.14 -11.47
C GLU A 306 8.65 -41.85 -11.85
N ASP A 307 7.70 -42.44 -11.13
CA ASP A 307 6.28 -42.24 -11.38
C ASP A 307 5.51 -41.80 -10.15
N ILE A 308 6.20 -41.39 -9.09
CA ILE A 308 5.58 -41.05 -7.82
C ILE A 308 5.80 -39.56 -7.56
N ARG A 309 4.72 -38.83 -7.32
CA ARG A 309 4.76 -37.39 -7.08
C ARG A 309 4.36 -37.13 -5.63
N GLN A 310 5.14 -36.30 -4.94
CA GLN A 310 4.87 -35.95 -3.56
C GLN A 310 5.07 -34.46 -3.39
N GLU A 311 4.53 -33.90 -2.32
CA GLU A 311 4.78 -32.50 -2.04
C GLU A 311 6.11 -32.33 -1.31
N ALA A 312 6.72 -31.16 -1.51
CA ALA A 312 8.05 -30.87 -0.96
C ALA A 312 8.01 -29.59 -0.13
N TYR A 313 8.88 -29.54 0.88
CA TYR A 313 9.01 -28.40 1.77
C TYR A 313 10.33 -27.69 1.49
N SER A 314 10.42 -26.42 1.89
CA SER A 314 11.42 -25.52 1.33
C SER A 314 12.33 -24.87 2.38
N LYS A 315 12.44 -25.43 3.58
CA LYS A 315 13.42 -24.92 4.55
C LYS A 315 14.83 -25.13 4.00
N ARG A 316 15.61 -24.05 3.80
CA ARG A 316 15.50 -22.68 4.37
C ARG A 316 15.72 -22.48 5.87
N LYS A 317 16.93 -22.84 6.32
CA LYS A 317 17.45 -22.46 7.63
C LYS A 317 18.77 -21.74 7.44
N PHE A 318 18.98 -20.68 8.23
CA PHE A 318 20.15 -19.82 8.09
C PHE A 318 21.28 -20.31 8.99
N LEU A 319 22.30 -20.91 8.38
CA LEU A 319 23.46 -21.40 9.10
C LEU A 319 24.75 -20.86 8.46
N ASN A 320 25.66 -20.41 9.31
CA ASN A 320 26.94 -19.93 8.83
C ASN A 320 27.91 -21.10 8.68
N PRO A 321 28.46 -21.35 7.48
CA PRO A 321 29.26 -22.56 7.26
C PRO A 321 30.54 -22.59 8.08
N ILE A 322 31.04 -21.43 8.49
CA ILE A 322 32.28 -21.38 9.25
C ILE A 322 32.13 -22.03 10.62
N THR A 323 30.99 -21.85 11.28
CA THR A 323 30.73 -22.46 12.58
C THR A 323 30.15 -23.85 12.49
N GLY A 324 29.02 -24.01 11.80
CA GLY A 324 28.39 -25.30 11.62
C GLY A 324 27.48 -25.72 12.75
N GLU A 325 27.49 -25.03 13.87
CA GLU A 325 26.69 -25.43 15.02
C GLU A 325 25.22 -25.12 14.78
N ASP A 326 24.37 -25.65 15.65
CA ASP A 326 22.93 -25.41 15.54
C ASP A 326 22.64 -23.92 15.59
N VAL A 327 21.80 -23.46 14.66
CA VAL A 327 21.52 -22.04 14.50
C VAL A 327 20.09 -21.71 14.91
N THR A 328 19.15 -22.55 14.49
CA THR A 328 17.75 -22.32 14.80
C THR A 328 17.51 -22.35 16.31
N GLY A 329 16.93 -21.29 16.85
CA GLY A 329 16.72 -21.17 18.27
C GLY A 329 17.93 -20.69 19.05
N LYS A 330 19.05 -20.44 18.39
CA LYS A 330 20.27 -19.98 19.05
C LYS A 330 20.78 -18.67 18.46
N THR A 331 20.09 -18.12 17.46
CA THR A 331 20.48 -16.84 16.90
C THR A 331 19.80 -15.70 17.64
N VAL A 332 20.40 -14.51 17.53
CA VAL A 332 19.84 -13.29 18.09
C VAL A 332 19.88 -12.22 17.00
N LYS A 333 18.97 -11.26 17.12
CA LYS A 333 18.93 -10.15 16.19
C LYS A 333 19.52 -8.90 16.82
N VAL A 334 20.52 -8.32 16.16
CA VAL A 334 21.28 -7.20 16.69
C VAL A 334 21.28 -6.10 15.65
N TYR A 335 21.10 -4.86 16.12
CA TYR A 335 21.04 -3.71 15.23
C TYR A 335 22.44 -3.36 14.75
N PRO A 336 22.69 -3.28 13.45
CA PRO A 336 24.02 -2.85 12.99
C PRO A 336 24.10 -1.34 12.86
N TYR A 337 25.19 -0.77 13.40
CA TYR A 337 25.48 0.64 13.25
C TYR A 337 26.89 0.83 12.72
N GLY A 338 27.22 0.13 11.64
CA GLY A 338 28.58 0.12 11.11
C GLY A 338 29.27 -1.17 11.49
N ASP A 339 30.41 -1.05 12.16
CA ASP A 339 31.10 -2.20 12.71
C ASP A 339 30.68 -2.48 14.15
N LEU A 340 29.63 -1.80 14.64
CA LEU A 340 29.10 -2.05 15.97
C LEU A 340 27.77 -2.77 15.89
N ASP A 341 27.61 -3.79 16.73
CA ASP A 341 26.37 -4.54 16.83
C ASP A 341 25.72 -4.24 18.19
N ILE A 342 24.48 -3.77 18.15
CA ILE A 342 23.76 -3.34 19.34
C ILE A 342 22.75 -4.40 19.69
N ASN A 343 22.96 -5.08 20.82
CA ASN A 343 22.11 -6.17 21.27
C ASN A 343 21.22 -5.63 22.38
N LEU A 344 20.08 -5.06 22.00
CA LEU A 344 19.14 -4.49 22.96
C LEU A 344 18.39 -5.60 23.67
N SER A 345 18.33 -5.53 24.99
CA SER A 345 17.54 -6.49 25.76
C SER A 345 16.06 -6.23 25.55
N ASP A 346 15.26 -7.28 25.75
CA ASP A 346 13.82 -7.21 25.52
C ASP A 346 13.16 -6.20 26.46
N SER A 347 13.58 -6.20 27.73
CA SER A 347 13.04 -5.25 28.69
C SER A 347 13.35 -3.81 28.32
N GLN A 348 14.41 -3.56 27.57
CA GLN A 348 14.76 -2.23 27.09
C GLN A 348 14.11 -1.92 25.75
N ASP A 349 14.03 -2.90 24.86
CA ASP A 349 13.40 -2.73 23.56
C ASP A 349 11.91 -2.41 23.71
N GLN A 350 11.26 -3.08 24.66
CA GLN A 350 9.84 -2.82 24.91
C GLN A 350 9.61 -1.40 25.39
N ILE A 351 10.44 -0.92 26.31
CA ILE A 351 10.34 0.46 26.76
C ILE A 351 10.64 1.43 25.63
N VAL A 352 11.59 1.08 24.76
CA VAL A 352 11.87 1.89 23.58
C VAL A 352 10.63 2.02 22.71
N MET A 353 9.95 0.90 22.45
CA MET A 353 8.79 0.92 21.57
C MET A 353 7.61 1.64 22.23
N GLU A 354 7.48 1.52 23.54
CA GLU A 354 6.32 2.04 24.25
C GLU A 354 6.26 3.56 24.19
N ALA A 355 7.35 4.21 23.78
CA ALA A 355 7.38 5.65 23.72
C ALA A 355 6.46 6.22 22.64
N TYR A 356 6.14 5.45 21.62
CA TYR A 356 5.31 5.93 20.53
C TYR A 356 4.15 5.01 20.17
N THR A 357 4.11 3.80 20.70
CA THR A 357 3.07 2.84 20.34
C THR A 357 2.75 1.93 21.52
N GLN A 358 1.55 1.36 21.48
CA GLN A 358 1.12 0.38 22.46
C GLN A 358 1.52 -1.03 22.01
N LYS A 359 1.41 -1.99 22.93
CA LYS A 359 1.82 -3.35 22.62
C LYS A 359 0.89 -3.98 21.59
N ASP A 360 -0.42 -3.86 21.80
CA ASP A 360 -1.40 -4.52 20.95
C ASP A 360 -1.84 -3.59 19.81
N ALA A 361 -2.51 -4.19 18.83
CA ALA A 361 -3.04 -3.42 17.71
C ALA A 361 -4.06 -2.42 18.21
N PHE A 362 -3.97 -1.19 17.70
CA PHE A 362 -4.84 -0.14 18.19
C PHE A 362 -4.95 0.95 17.15
N LEU A 363 -5.94 1.81 17.33
CA LEU A 363 -6.08 3.05 16.60
C LEU A 363 -6.55 4.10 17.57
N LYS A 364 -5.94 5.28 17.54
CA LYS A 364 -6.31 6.39 18.38
C LYS A 364 -6.71 7.57 17.51
N ILE A 365 -7.87 8.15 17.78
CA ILE A 365 -8.29 9.33 17.05
C ILE A 365 -7.45 10.51 17.53
N ILE A 366 -6.60 11.01 16.64
CA ILE A 366 -5.68 12.10 16.96
C ILE A 366 -6.32 13.46 16.66
N GLY A 367 -7.04 13.56 15.56
CA GLY A 367 -7.71 14.82 15.25
C GLY A 367 -8.64 14.68 14.07
N PHE A 368 -9.44 15.72 13.87
CA PHE A 368 -10.38 15.83 12.76
C PHE A 368 -10.01 17.04 11.92
N ARG A 369 -10.27 16.96 10.61
CA ARG A 369 -10.00 18.09 9.73
C ARG A 369 -10.81 17.91 8.45
N SER A 370 -10.83 18.97 7.64
CA SER A 370 -11.64 18.95 6.43
C SER A 370 -11.16 17.87 5.47
N SER A 371 -12.06 17.42 4.58
CA SER A 371 -11.76 16.35 3.65
C SER A 371 -10.78 16.77 2.56
N SER A 372 -10.85 18.01 2.07
CA SER A 372 -9.95 18.43 1.00
C SER A 372 -8.50 18.50 1.47
N LYS A 373 -8.30 18.75 2.76
CA LYS A 373 -6.96 18.97 3.28
C LYS A 373 -6.22 17.66 3.55
N SER A 374 -6.90 16.53 3.42
CA SER A 374 -6.29 15.26 3.80
C SER A 374 -6.50 14.16 2.77
N ILE A 375 -7.47 14.33 1.89
CA ILE A 375 -7.83 13.31 0.91
C ILE A 375 -7.33 13.76 -0.45
N HIS A 376 -6.33 13.03 -0.97
CA HIS A 376 -5.75 13.33 -2.27
C HIS A 376 -5.59 12.04 -3.04
N TYR A 377 -5.49 12.16 -4.36
CA TYR A 377 -5.35 10.98 -5.19
C TYR A 377 -3.89 10.73 -5.59
N PHE A 378 -3.02 11.72 -5.41
CA PHE A 378 -1.61 11.58 -5.75
C PHE A 378 -0.76 11.07 -4.60
N ASN A 379 -1.33 10.92 -3.41
CA ASN A 379 -0.55 10.54 -2.24
C ASN A 379 -1.02 9.21 -1.66
N ASN A 380 -1.38 8.27 -2.52
CA ASN A 380 -1.75 6.92 -2.11
C ASN A 380 -0.50 6.06 -2.09
N ILE A 381 -0.40 5.22 -1.07
CA ILE A 381 0.80 4.41 -0.86
C ILE A 381 0.40 2.98 -0.54
N ASP A 382 -0.88 2.77 -0.23
CA ASP A 382 -1.31 1.47 0.29
C ASP A 382 -2.74 1.20 -0.17
N LYS A 383 -3.29 0.09 0.33
CA LYS A 383 -4.63 -0.37 0.00
C LYS A 383 -5.59 0.12 1.06
N SER A 384 -6.71 0.70 0.62
CA SER A 384 -7.72 1.18 1.56
C SER A 384 -8.38 0.02 2.26
N SER A 385 -9.00 0.31 3.40
CA SER A 385 -9.70 -0.71 4.18
C SER A 385 -11.07 -0.18 4.58
N PHE A 386 -11.97 -1.11 4.88
CA PHE A 386 -13.34 -0.80 5.28
C PHE A 386 -13.50 -1.11 6.75
N ILE A 387 -14.10 -0.20 7.50
CA ILE A 387 -14.21 -0.31 8.95
C ILE A 387 -15.68 -0.28 9.33
N VAL A 388 -16.07 -1.19 10.22
CA VAL A 388 -17.43 -1.28 10.75
C VAL A 388 -17.33 -1.42 12.26
N PRO A 389 -18.42 -1.12 12.97
CA PRO A 389 -18.39 -1.26 14.43
C PRO A 389 -18.27 -2.71 14.87
N ASP A 390 -17.69 -2.90 16.05
CA ASP A 390 -17.60 -4.20 16.70
C ASP A 390 -18.16 -4.07 18.11
N GLU A 391 -19.40 -4.52 18.31
CA GLU A 391 -20.07 -4.43 19.59
C GLU A 391 -19.90 -5.68 20.45
N ALA A 392 -19.25 -6.72 19.93
CA ALA A 392 -19.06 -7.95 20.68
C ALA A 392 -18.04 -7.83 21.80
N LYS A 393 -17.25 -6.76 21.82
CA LYS A 393 -16.26 -6.58 22.89
C LYS A 393 -16.55 -5.31 23.68
N TYR A 394 -16.69 -4.18 22.99
CA TYR A 394 -16.88 -2.89 23.65
C TYR A 394 -18.31 -2.44 23.43
N GLU A 395 -19.12 -2.55 24.49
CA GLU A 395 -20.53 -2.21 24.43
C GLU A 395 -20.73 -0.75 24.03
N GLY A 396 -21.74 -0.49 23.23
CA GLY A 396 -21.96 0.86 22.74
C GLY A 396 -21.08 1.24 21.58
N SER A 397 -20.39 0.26 20.98
CA SER A 397 -19.58 0.54 19.80
C SER A 397 -20.45 0.93 18.61
N ILE A 398 -21.55 0.21 18.38
CA ILE A 398 -22.35 0.43 17.18
C ILE A 398 -23.07 1.77 17.25
N ARG A 399 -23.69 2.09 18.38
CA ARG A 399 -24.43 3.34 18.48
C ARG A 399 -23.49 4.55 18.43
N THR A 400 -22.33 4.42 19.06
CA THR A 400 -21.34 5.50 19.01
C THR A 400 -20.79 5.70 17.61
N LEU A 401 -20.49 4.61 16.92
CA LEU A 401 -19.92 4.72 15.59
C LEU A 401 -20.95 5.17 14.56
N ALA A 402 -22.22 4.86 14.80
CA ALA A 402 -23.28 5.41 13.94
C ALA A 402 -23.34 6.92 14.05
N SER A 403 -23.26 7.44 15.28
CA SER A 403 -23.25 8.89 15.47
C SER A 403 -22.00 9.53 14.88
N LEU A 404 -20.85 8.87 15.05
CA LEU A 404 -19.61 9.37 14.45
C LEU A 404 -19.72 9.42 12.93
N LEU A 405 -20.30 8.38 12.33
CA LEU A 405 -20.52 8.34 10.89
C LEU A 405 -21.47 9.44 10.44
N LYS A 406 -22.53 9.69 11.21
CA LYS A 406 -23.43 10.79 10.88
C LYS A 406 -22.70 12.13 10.91
N ILE A 407 -21.94 12.40 11.97
CA ILE A 407 -21.30 13.70 12.11
C ILE A 407 -20.20 13.89 11.08
N LEU A 408 -19.32 12.91 10.91
CA LEU A 408 -18.23 13.04 9.94
C LEU A 408 -18.75 13.19 8.53
N ARG A 409 -19.94 12.64 8.26
CA ARG A 409 -20.54 12.81 6.95
C ARG A 409 -21.27 14.14 6.80
N LYS A 410 -21.77 14.70 7.91
CA LYS A 410 -22.47 15.98 7.87
C LYS A 410 -21.56 17.06 7.32
N LYS A 411 -20.33 17.13 7.81
CA LYS A 411 -19.33 18.07 7.33
C LYS A 411 -18.36 17.32 6.43
N ASP A 412 -17.72 18.02 5.50
CA ASP A 412 -16.74 17.37 4.65
C ASP A 412 -15.50 17.06 5.48
N LYS A 413 -15.62 16.11 6.40
CA LYS A 413 -14.63 15.90 7.45
C LYS A 413 -14.17 14.46 7.51
N ILE A 414 -12.95 14.27 7.99
CA ILE A 414 -12.40 12.96 8.24
C ILE A 414 -11.84 12.96 9.66
N ALA A 415 -11.32 11.82 10.08
CA ALA A 415 -10.65 11.69 11.36
C ALA A 415 -9.24 11.17 11.15
N ILE A 416 -8.26 11.90 11.65
CA ILE A 416 -6.87 11.45 11.62
C ILE A 416 -6.71 10.42 12.70
N LEU A 417 -6.12 9.27 12.35
CA LEU A 417 -5.94 8.17 13.28
C LEU A 417 -4.45 7.84 13.36
N TRP A 418 -3.97 7.56 14.55
CA TRP A 418 -2.61 7.09 14.74
C TRP A 418 -2.64 5.70 15.33
N GLY A 419 -1.87 4.79 14.74
CA GLY A 419 -1.76 3.50 15.36
C GLY A 419 -1.43 2.39 14.40
N LYS A 420 -1.61 1.15 14.83
CA LYS A 420 -1.25 0.02 14.00
C LYS A 420 -2.43 -0.94 13.94
N LEU A 421 -2.75 -1.39 12.73
CA LEU A 421 -3.84 -2.31 12.51
C LEU A 421 -3.48 -3.74 12.91
N LYS A 422 -2.21 -4.00 13.20
CA LYS A 422 -1.80 -5.30 13.72
C LYS A 422 -0.72 -5.08 14.76
N SER A 423 -0.66 -6.00 15.74
CA SER A 423 0.30 -5.86 16.82
C SER A 423 1.73 -5.90 16.30
N ASN A 424 2.02 -6.81 15.38
CA ASN A 424 3.36 -6.92 14.79
C ASN A 424 3.42 -6.14 13.48
N SER A 425 3.10 -4.85 13.58
CA SER A 425 3.08 -3.96 12.43
C SER A 425 3.56 -2.58 12.85
N HIS A 426 4.01 -1.81 11.88
CA HIS A 426 4.48 -0.48 12.22
C HIS A 426 3.32 0.44 12.54
N PRO A 427 3.47 1.33 13.51
CA PRO A 427 2.50 2.40 13.68
C PRO A 427 2.47 3.31 12.47
N SER A 428 1.34 3.94 12.19
CA SER A 428 1.22 4.80 11.02
C SER A 428 0.08 5.77 11.24
N LEU A 429 0.07 6.82 10.43
CA LEU A 429 -1.06 7.73 10.34
C LEU A 429 -2.03 7.24 9.28
N TYR A 430 -3.31 7.33 9.58
CA TYR A 430 -4.36 6.94 8.67
C TYR A 430 -5.40 8.05 8.63
N THR A 431 -6.17 8.09 7.55
CA THR A 431 -7.33 8.96 7.46
C THR A 431 -8.58 8.08 7.43
N LEU A 432 -9.52 8.36 8.32
CA LEU A 432 -10.79 7.65 8.40
C LEU A 432 -11.87 8.54 7.83
N SER A 433 -12.45 8.13 6.72
CA SER A 433 -13.47 8.95 6.09
C SER A 433 -14.83 8.25 6.15
N PRO A 434 -15.92 8.98 6.36
CA PRO A 434 -17.24 8.34 6.31
C PRO A 434 -17.59 7.96 4.87
N SER A 435 -18.11 6.76 4.72
CA SER A 435 -18.49 6.24 3.42
C SER A 435 -19.71 7.01 2.92
N SER A 436 -19.71 7.32 1.62
CA SER A 436 -20.73 8.18 1.04
C SER A 436 -22.08 7.47 1.03
N VAL A 437 -23.15 8.25 0.81
CA VAL A 437 -24.51 7.74 0.85
C VAL A 437 -24.85 7.10 -0.49
N LYS A 438 -23.98 7.27 -1.48
CA LYS A 438 -24.20 6.71 -2.80
C LYS A 438 -23.98 5.20 -2.81
N ASP A 439 -22.95 4.73 -2.12
CA ASP A 439 -22.64 3.30 -2.12
C ASP A 439 -23.55 2.56 -1.14
N TYR A 440 -23.59 1.23 -1.31
CA TYR A 440 -24.51 0.42 -0.51
C TYR A 440 -24.03 0.26 0.92
N ASN A 441 -22.73 0.03 1.11
CA ASN A 441 -22.21 -0.24 2.44
C ASN A 441 -22.20 1.03 3.30
N GLU A 442 -22.48 0.84 4.59
CA GLU A 442 -22.34 1.88 5.59
C GLU A 442 -21.13 1.56 6.46
N GLY A 443 -20.26 2.53 6.64
CA GLY A 443 -19.04 2.30 7.40
C GLY A 443 -18.06 3.43 7.14
N PHE A 444 -16.80 3.12 7.46
CA PHE A 444 -15.71 4.08 7.31
C PHE A 444 -14.67 3.50 6.35
N TYR A 445 -13.95 4.37 5.66
CA TYR A 445 -12.85 3.96 4.81
C TYR A 445 -11.54 4.48 5.39
N LEU A 446 -10.60 3.58 5.64
CA LEU A 446 -9.33 3.91 6.25
C LEU A 446 -8.24 3.85 5.19
N TYR A 447 -7.68 5.01 4.87
CA TYR A 447 -6.52 5.11 3.98
C TYR A 447 -5.29 5.38 4.83
N ARG A 448 -4.12 5.06 4.30
CA ARG A 448 -2.86 5.30 4.99
C ARG A 448 -2.25 6.60 4.48
N VAL A 449 -1.72 7.40 5.40
CA VAL A 449 -1.08 8.67 5.05
C VAL A 449 0.41 8.42 4.87
N PRO A 450 0.99 8.80 3.73
CA PRO A 450 2.42 8.55 3.50
C PRO A 450 3.29 9.43 4.40
N PHE A 451 4.31 8.81 4.99
CA PHE A 451 5.25 9.54 5.82
C PHE A 451 6.13 10.44 4.97
N LEU A 452 6.87 11.33 5.64
CA LEU A 452 7.78 12.23 4.93
C LEU A 452 8.85 11.46 4.19
N ASP A 453 9.33 10.34 4.76
CA ASP A 453 10.32 9.52 4.07
C ASP A 453 9.70 8.83 2.86
N GLU A 454 8.44 8.43 2.98
CA GLU A 454 7.78 7.68 1.91
C GLU A 454 7.51 8.57 0.70
N ILE A 455 7.21 9.84 0.94
CA ILE A 455 7.03 10.78 -0.17
C ILE A 455 8.36 10.96 -0.88
N ARG A 456 8.40 10.64 -2.17
CA ARG A 456 9.63 10.70 -2.94
C ARG A 456 9.81 12.07 -3.57
N LYS A 457 10.92 12.24 -4.27
CA LYS A 457 11.30 13.52 -4.87
C LYS A 457 11.05 13.50 -6.36
N PHE A 458 10.48 14.59 -6.87
CA PHE A 458 10.26 14.74 -8.30
C PHE A 458 11.61 14.69 -9.00
N PRO A 459 11.74 14.00 -10.13
CA PRO A 459 13.05 13.84 -10.76
C PRO A 459 13.64 15.14 -11.30
N SER A 460 14.87 15.07 -11.79
CA SER A 460 15.55 16.21 -12.40
C SER A 460 15.41 16.10 -13.91
N LEU A 461 14.55 16.93 -14.49
CA LEU A 461 14.34 16.89 -15.93
C LEU A 461 15.53 17.50 -16.66
N LEU A 462 15.74 17.05 -17.88
CA LEU A 462 16.80 17.58 -18.73
C LEU A 462 16.35 18.78 -19.56
N SER A 463 15.06 19.11 -19.51
CA SER A 463 14.57 20.29 -20.22
C SER A 463 13.33 20.81 -19.51
N TYR A 464 13.07 22.10 -19.71
CA TYR A 464 11.90 22.74 -19.11
C TYR A 464 11.19 23.69 -20.08
N ASP A 465 11.60 23.71 -21.35
CA ASP A 465 11.08 24.68 -22.32
C ASP A 465 9.85 24.11 -23.01
N ASP A 466 8.78 23.92 -22.22
CA ASP A 466 7.53 23.44 -22.77
C ASP A 466 6.74 24.54 -23.45
N GLY A 467 6.29 25.53 -22.68
CA GLY A 467 5.47 26.60 -23.21
C GLY A 467 5.71 27.93 -22.53
N SER A 468 6.88 28.08 -21.90
CA SER A 468 7.21 29.29 -21.16
C SER A 468 7.36 30.52 -22.05
N GLU A 469 7.73 30.34 -23.31
CA GLU A 469 7.88 31.43 -24.27
C GLU A 469 7.06 31.19 -25.53
N HIS A 470 6.10 30.27 -25.47
CA HIS A 470 5.27 29.91 -26.61
C HIS A 470 3.81 29.90 -26.20
N LYS A 471 3.36 30.97 -25.54
CA LYS A 471 2.03 30.99 -24.94
C LYS A 471 0.92 30.75 -25.96
N LEU A 472 1.04 31.32 -27.15
CA LEU A 472 0.00 31.15 -28.17
C LEU A 472 -0.08 29.71 -28.66
N ASP A 473 1.05 29.12 -29.04
CA ASP A 473 1.06 27.73 -29.50
C ASP A 473 0.69 26.77 -28.38
N TYR A 474 1.18 27.05 -27.17
CA TYR A 474 0.85 26.20 -26.03
C TYR A 474 -0.65 26.25 -25.74
N ASP A 475 -1.24 27.44 -25.84
CA ASP A 475 -2.68 27.58 -25.64
C ASP A 475 -3.47 26.87 -26.73
N ASN A 476 -2.99 26.95 -27.99
CA ASN A 476 -3.67 26.23 -29.07
C ASN A 476 -3.65 24.71 -28.84
N MET A 477 -2.49 24.18 -28.43
CA MET A 477 -2.42 22.75 -28.15
C MET A 477 -3.26 22.40 -26.93
N LYS A 478 -3.33 23.31 -25.97
CA LYS A 478 -4.20 23.09 -24.82
C LYS A 478 -5.65 22.97 -25.25
N LYS A 479 -6.08 23.86 -26.14
CA LYS A 479 -7.46 23.80 -26.65
C LYS A 479 -7.71 22.50 -27.41
N VAL A 480 -6.75 22.09 -28.25
CA VAL A 480 -6.94 20.86 -29.02
C VAL A 480 -7.00 19.64 -28.10
N THR A 481 -6.10 19.56 -27.11
CA THR A 481 -6.12 18.43 -26.18
C THR A 481 -7.39 18.41 -25.35
N GLN A 482 -7.86 19.58 -24.91
CA GLN A 482 -9.12 19.63 -24.18
C GLN A 482 -10.30 19.19 -25.04
N SER A 483 -10.30 19.61 -26.32
CA SER A 483 -11.36 19.21 -27.23
C SER A 483 -11.37 17.71 -27.42
N ILE A 484 -10.18 17.10 -27.57
CA ILE A 484 -10.11 15.65 -27.68
C ILE A 484 -10.60 15.00 -26.39
N MET A 485 -10.17 15.50 -25.24
CA MET A 485 -10.55 14.92 -23.96
C MET A 485 -12.04 15.02 -23.69
N GLY A 486 -12.71 16.04 -24.23
CA GLY A 486 -14.10 16.27 -23.89
C GLY A 486 -15.03 15.13 -24.28
N TYR A 487 -14.79 14.51 -25.44
CA TYR A 487 -15.73 13.52 -25.93
C TYR A 487 -15.39 12.12 -25.42
N PHE A 488 -14.14 11.89 -25.03
CA PHE A 488 -13.73 10.58 -24.54
C PHE A 488 -14.03 10.39 -23.06
N ASN A 489 -14.94 11.20 -22.51
CA ASN A 489 -15.30 11.05 -21.12
C ASN A 489 -15.97 9.71 -20.87
N LEU A 490 -15.60 9.07 -19.76
CA LEU A 490 -16.22 7.82 -19.34
C LEU A 490 -17.52 8.13 -18.61
N ARG A 491 -18.63 7.61 -19.12
CA ARG A 491 -19.93 7.98 -18.58
C ARG A 491 -20.20 7.26 -17.25
N ASP A 492 -20.11 5.94 -17.25
CA ASP A 492 -20.37 5.16 -16.05
C ASP A 492 -19.27 5.35 -15.00
N GLY A 493 -18.02 5.43 -15.44
CA GLY A 493 -16.87 5.46 -14.57
C GLY A 493 -16.11 4.16 -14.66
N TYR A 494 -15.07 4.04 -13.86
CA TYR A 494 -14.32 2.80 -13.83
C TYR A 494 -15.10 1.74 -13.06
N ASN A 495 -15.32 0.61 -13.70
CA ASN A 495 -15.96 -0.53 -13.05
C ASN A 495 -14.98 -1.69 -13.01
N PRO A 496 -14.58 -2.15 -11.83
CA PRO A 496 -13.62 -3.26 -11.77
C PRO A 496 -14.10 -4.53 -12.45
N SER A 497 -15.41 -4.78 -12.45
CA SER A 497 -15.94 -6.01 -13.04
C SER A 497 -15.84 -6.04 -14.55
N ASP A 498 -15.63 -4.90 -15.19
CA ASP A 498 -15.48 -4.82 -16.64
C ASP A 498 -14.06 -5.09 -17.09
N PHE A 499 -13.13 -5.35 -16.17
CA PHE A 499 -11.72 -5.57 -16.49
C PHE A 499 -11.23 -6.81 -15.76
N LYS A 500 -11.26 -7.95 -16.43
CA LYS A 500 -10.63 -9.15 -15.88
C LYS A 500 -9.12 -9.04 -16.02
N ASN A 501 -8.40 -9.68 -15.10
CA ASN A 501 -6.94 -9.62 -15.11
C ASN A 501 -6.42 -10.45 -16.27
N PRO A 502 -5.75 -9.86 -17.25
CA PRO A 502 -5.33 -10.65 -18.43
C PRO A 502 -4.36 -11.76 -18.11
N LEU A 503 -3.38 -11.53 -17.23
CA LEU A 503 -2.47 -12.59 -16.83
C LEU A 503 -3.19 -13.70 -16.08
N LEU A 504 -4.07 -13.33 -15.15
CA LEU A 504 -4.85 -14.35 -14.44
C LEU A 504 -5.73 -15.13 -15.41
N GLN A 505 -6.40 -14.42 -16.32
CA GLN A 505 -7.27 -15.09 -17.27
C GLN A 505 -6.48 -16.08 -18.13
N LYS A 506 -5.31 -15.67 -18.61
CA LYS A 506 -4.52 -16.56 -19.45
C LYS A 506 -3.96 -17.74 -18.66
N HIS A 507 -3.48 -17.49 -17.44
CA HIS A 507 -2.91 -18.55 -16.62
C HIS A 507 -3.96 -19.61 -16.30
N TYR A 508 -5.12 -19.18 -15.82
CA TYR A 508 -6.16 -20.16 -15.50
C TYR A 508 -6.82 -20.72 -16.75
N LYS A 509 -6.76 -20.02 -17.88
CA LYS A 509 -7.23 -20.61 -19.13
C LYS A 509 -6.32 -21.74 -19.57
N VAL A 510 -5.00 -21.56 -19.45
CA VAL A 510 -4.08 -22.64 -19.75
C VAL A 510 -4.29 -23.82 -18.81
N LEU A 511 -4.46 -23.55 -17.51
CA LEU A 511 -4.73 -24.64 -16.58
C LEU A 511 -6.03 -25.36 -16.92
N HIS A 512 -7.07 -24.60 -17.23
CA HIS A 512 -8.37 -25.16 -17.55
C HIS A 512 -8.31 -26.04 -18.80
N ASP A 513 -7.68 -25.54 -19.85
CA ASP A 513 -7.56 -26.30 -21.09
C ASP A 513 -6.66 -27.51 -20.93
N TYR A 514 -5.61 -27.44 -20.13
CA TYR A 514 -4.78 -28.62 -19.89
C TYR A 514 -5.55 -29.68 -19.12
N LEU A 515 -6.34 -29.25 -18.12
CA LEU A 515 -7.12 -30.20 -17.35
C LEU A 515 -8.22 -30.84 -18.19
N LEU A 516 -8.83 -30.06 -19.07
CA LEU A 516 -9.89 -30.58 -19.93
C LEU A 516 -9.40 -31.05 -21.29
N GLN A 517 -8.09 -31.01 -21.53
CA GLN A 517 -7.48 -31.49 -22.77
C GLN A 517 -8.06 -30.77 -23.98
N ILE A 518 -7.87 -29.46 -24.05
CA ILE A 518 -8.36 -28.65 -25.16
C ILE A 518 -7.16 -28.14 -25.95
N GLU A 519 -7.21 -28.32 -27.27
CA GLU A 519 -6.13 -27.90 -28.15
C GLU A 519 -5.94 -26.40 -28.11
N THR A 520 -4.68 -25.96 -28.04
CA THR A 520 -4.39 -24.54 -27.94
C THR A 520 -4.52 -23.85 -29.28
N THR A 521 -4.75 -22.54 -29.25
CA THR A 521 -4.87 -21.66 -30.40
C THR A 521 -3.47 -21.15 -30.77
N PHE A 522 -3.41 -20.08 -31.55
CA PHE A 522 -2.15 -19.45 -31.98
C PHE A 522 -1.40 -20.39 -32.93
N ASP A 523 -2.07 -20.86 -33.98
CA ASP A 523 -1.39 -21.58 -35.04
C ASP A 523 -0.53 -20.61 -35.85
N GLU A 524 0.40 -21.16 -36.63
CA GLU A 524 1.31 -20.33 -37.40
C GLU A 524 0.65 -19.66 -38.59
N ASN A 525 -0.60 -20.00 -38.90
CA ASN A 525 -1.32 -19.44 -40.04
C ASN A 525 -2.17 -18.23 -39.68
N GLU A 526 -1.73 -17.42 -38.72
CA GLU A 526 -2.53 -16.30 -38.24
C GLU A 526 -2.71 -15.24 -39.33
N THR A 527 -3.84 -14.54 -39.27
CA THR A 527 -4.19 -13.45 -40.17
C THR A 527 -4.25 -12.13 -39.41
N PRO A 528 -4.11 -10.99 -40.11
CA PRO A 528 -4.19 -9.70 -39.42
C PRO A 528 -5.50 -9.47 -38.67
N ASN A 529 -6.62 -9.99 -39.17
CA ASN A 529 -7.88 -9.90 -38.43
C ASN A 529 -7.89 -10.89 -37.27
N THR A 530 -7.28 -12.06 -37.48
CA THR A 530 -7.17 -13.05 -36.42
C THR A 530 -6.39 -12.50 -35.23
N LYS A 531 -5.34 -11.72 -35.51
CA LYS A 531 -4.53 -11.16 -34.43
C LYS A 531 -5.34 -10.24 -33.54
N LYS A 532 -6.09 -9.31 -34.14
CA LYS A 532 -6.89 -8.39 -33.32
C LYS A 532 -8.02 -9.13 -32.63
N ASP A 533 -8.61 -10.14 -33.29
CA ASP A 533 -9.65 -10.92 -32.64
C ASP A 533 -9.12 -11.66 -31.42
N ARG A 534 -7.91 -12.22 -31.51
CA ARG A 534 -7.31 -12.87 -30.34
C ARG A 534 -6.96 -11.86 -29.26
N MET A 535 -6.42 -10.71 -29.66
CA MET A 535 -6.03 -9.69 -28.69
C MET A 535 -7.21 -9.16 -27.91
N MET A 536 -8.35 -8.97 -28.58
CA MET A 536 -9.53 -8.43 -27.91
C MET A 536 -10.23 -9.46 -27.03
N ARG A 537 -9.89 -10.74 -27.16
CA ARG A 537 -10.49 -11.77 -26.32
C ARG A 537 -9.58 -12.15 -25.15
N GLU A 538 -8.27 -12.06 -25.35
CA GLU A 538 -7.34 -12.35 -24.27
C GLU A 538 -7.32 -11.20 -23.25
N ASP A 539 -7.55 -9.99 -23.71
CA ASP A 539 -7.52 -8.80 -22.85
C ASP A 539 -8.85 -8.06 -22.94
N ASP A 540 -9.29 -7.57 -21.80
CA ASP A 540 -10.51 -6.77 -21.72
C ASP A 540 -10.26 -5.29 -22.00
N SER A 541 -9.08 -4.79 -21.66
CA SER A 541 -8.77 -3.38 -21.93
C SER A 541 -8.46 -3.16 -23.40
N LEU A 542 -7.84 -4.14 -24.05
CA LEU A 542 -7.52 -4.01 -25.46
C LEU A 542 -8.78 -3.86 -26.31
N ARG A 543 -9.90 -4.43 -25.87
CA ARG A 543 -11.16 -4.19 -26.56
C ARG A 543 -11.56 -2.73 -26.46
N LYS A 544 -11.38 -2.11 -25.29
CA LYS A 544 -11.68 -0.69 -25.13
C LYS A 544 -10.75 0.16 -26.00
N LEU A 545 -9.48 -0.23 -26.09
CA LEU A 545 -8.54 0.50 -26.91
C LEU A 545 -8.90 0.38 -28.39
N TYR A 546 -9.33 -0.81 -28.82
CA TYR A 546 -9.78 -0.95 -30.20
C TYR A 546 -11.03 -0.13 -30.47
N TYR A 547 -11.92 -0.02 -29.47
CA TYR A 547 -13.06 0.87 -29.65
C TYR A 547 -12.63 2.32 -29.79
N ILE A 548 -11.64 2.76 -29.00
CA ILE A 548 -11.16 4.13 -29.10
C ILE A 548 -10.56 4.39 -30.48
N ARG A 549 -9.75 3.45 -30.97
CA ARG A 549 -9.18 3.58 -32.30
C ARG A 549 -10.26 3.59 -33.37
N ASN A 550 -11.28 2.73 -33.22
CA ASN A 550 -12.32 2.63 -34.23
C ASN A 550 -13.21 3.88 -34.23
N LYS A 551 -13.34 4.55 -33.09
CA LYS A 551 -14.08 5.81 -33.07
C LYS A 551 -13.38 6.86 -33.93
N ILE A 552 -12.05 6.96 -33.82
CA ILE A 552 -11.30 7.89 -34.65
C ILE A 552 -11.36 7.48 -36.11
N LEU A 553 -11.28 6.17 -36.38
CA LEU A 553 -11.38 5.69 -37.76
C LEU A 553 -12.74 5.99 -38.37
N GLU A 554 -13.81 5.89 -37.57
CA GLU A 554 -15.15 6.16 -38.07
C GLU A 554 -15.38 7.66 -38.25
N SER A 555 -14.83 8.47 -37.35
CA SER A 555 -15.04 9.91 -37.44
C SER A 555 -14.41 10.48 -38.71
N GLU A 556 -13.29 9.92 -39.16
CA GLU A 556 -12.64 10.42 -40.36
C GLU A 556 -13.45 10.15 -41.61
N LYS A 557 -14.44 9.26 -41.51
CA LYS A 557 -15.25 8.85 -42.66
C LYS A 557 -16.67 9.38 -42.62
N SER A 558 -17.13 9.88 -41.46
CA SER A 558 -18.52 10.30 -41.31
C SER A 558 -18.76 11.57 -42.10
N GLU A 559 -19.81 11.57 -42.92
CA GLU A 559 -20.13 12.73 -43.75
C GLU A 559 -20.66 13.89 -42.92
N ASP A 560 -21.18 13.60 -41.72
CA ASP A 560 -21.74 14.63 -40.85
C ASP A 560 -20.65 15.62 -40.43
N PRO A 561 -20.95 16.92 -40.41
CA PRO A 561 -19.98 17.90 -39.95
C PRO A 561 -19.67 17.86 -38.47
N ILE A 562 -20.45 17.13 -37.68
CA ILE A 562 -20.22 17.02 -36.24
C ILE A 562 -19.42 15.77 -35.90
N ILE A 563 -19.83 14.62 -36.44
CA ILE A 563 -19.13 13.37 -36.15
C ILE A 563 -17.73 13.39 -36.76
N GLN A 564 -17.53 14.18 -37.82
CA GLN A 564 -16.23 14.22 -38.49
C GLN A 564 -15.17 14.95 -37.68
N ARG A 565 -15.57 15.62 -36.59
CA ARG A 565 -14.64 16.47 -35.85
C ARG A 565 -13.56 15.64 -35.15
N LEU A 566 -13.93 14.49 -34.59
CA LEU A 566 -13.00 13.71 -33.77
C LEU A 566 -11.76 13.31 -34.55
N ASN A 567 -11.85 13.29 -35.88
CA ASN A 567 -10.65 13.09 -36.68
C ASN A 567 -9.77 14.33 -36.68
N LYS A 568 -10.32 15.46 -37.12
CA LYS A 568 -9.50 16.64 -37.37
C LYS A 568 -8.79 17.10 -36.10
N TYR A 569 -9.51 17.16 -34.97
CA TYR A 569 -8.85 17.41 -33.70
C TYR A 569 -7.59 16.58 -33.55
N VAL A 570 -7.71 15.26 -33.59
CA VAL A 570 -6.54 14.40 -33.48
C VAL A 570 -5.54 14.75 -34.57
N LYS A 571 -6.03 14.92 -35.81
CA LYS A 571 -5.15 15.31 -36.91
C LYS A 571 -4.40 16.59 -36.56
N ILE A 572 -5.12 17.61 -36.08
CA ILE A 572 -4.48 18.87 -35.75
C ILE A 572 -3.41 18.64 -34.69
N TRP A 573 -3.71 17.77 -33.73
CA TRP A 573 -2.75 17.50 -32.67
C TRP A 573 -1.46 16.95 -33.25
N ASN A 574 -1.59 16.02 -34.22
CA ASN A 574 -0.39 15.40 -34.79
C ASN A 574 0.45 16.41 -35.54
N MET A 575 -0.14 17.54 -35.94
CA MET A 575 0.66 18.60 -36.53
C MET A 575 1.49 19.30 -35.46
N PHE A 576 0.87 19.65 -34.33
CA PHE A 576 1.59 20.41 -33.31
C PHE A 576 2.74 19.61 -32.73
N TYR A 577 2.57 18.30 -32.60
CA TYR A 577 3.68 17.42 -32.27
C TYR A 577 4.77 17.54 -33.33
N LYS A 578 4.41 17.34 -34.60
CA LYS A 578 5.42 17.36 -35.67
C LYS A 578 5.98 18.76 -35.88
N LYS A 579 5.25 19.77 -35.42
CA LYS A 579 5.75 21.14 -35.46
C LYS A 579 6.99 21.33 -34.59
N PHE A 580 7.23 20.44 -33.64
CA PHE A 580 8.38 20.56 -32.75
C PHE A 580 9.26 19.32 -32.79
N ASN A 581 8.65 18.16 -33.04
CA ASN A 581 9.39 16.91 -32.99
C ASN A 581 10.47 16.82 -34.07
N ASP A 582 10.13 17.18 -35.30
CA ASP A 582 11.03 16.98 -36.43
C ASP A 582 11.43 18.29 -37.09
N ASP A 583 11.57 19.37 -36.32
CA ASP A 583 12.12 20.62 -36.81
C ASP A 583 13.60 20.55 -37.12
N ASN A 584 14.36 19.80 -36.32
CA ASN A 584 15.79 19.62 -36.55
C ASN A 584 16.25 18.29 -35.98
N SER B 2 30.16 11.44 -4.84
CA SER B 2 31.53 11.61 -5.32
C SER B 2 32.54 11.29 -4.24
N SER B 3 33.40 12.27 -3.93
CA SER B 3 34.43 12.10 -2.91
C SER B 3 34.66 13.45 -2.24
N GLU B 4 34.43 13.51 -0.94
CA GLU B 4 34.59 14.73 -0.16
C GLU B 4 35.56 14.51 0.98
N SER B 5 35.88 15.61 1.67
CA SER B 5 36.75 15.57 2.83
C SER B 5 36.49 16.79 3.69
N THR B 6 36.15 16.57 4.96
CA THR B 6 35.88 17.65 5.90
C THR B 6 36.86 17.58 7.07
N THR B 7 37.31 18.75 7.50
CA THR B 7 38.32 18.86 8.55
C THR B 7 37.75 19.71 9.67
N PHE B 8 37.87 19.23 10.90
CA PHE B 8 37.32 19.91 12.06
C PHE B 8 38.43 20.56 12.86
N ILE B 9 38.30 21.86 13.11
CA ILE B 9 39.23 22.63 13.93
C ILE B 9 38.43 23.25 15.06
N VAL B 10 38.55 22.69 16.26
CA VAL B 10 37.75 23.09 17.41
C VAL B 10 38.65 23.83 18.39
N ASP B 11 38.25 25.04 18.76
CA ASP B 11 38.97 25.81 19.75
C ASP B 11 38.78 25.21 21.14
N VAL B 12 39.87 25.16 21.89
CA VAL B 12 39.83 24.59 23.24
C VAL B 12 40.29 25.66 24.23
N SER B 13 40.22 26.92 23.79
CA SER B 13 40.54 28.03 24.67
C SER B 13 39.59 28.05 25.85
N PRO B 14 40.06 28.55 27.01
CA PRO B 14 39.20 28.54 28.21
C PRO B 14 37.89 29.29 28.04
N SER B 15 37.82 30.28 27.14
CA SER B 15 36.56 30.96 26.89
C SER B 15 35.53 29.99 26.31
N MET B 16 35.98 29.11 25.41
CA MET B 16 35.09 28.07 24.88
C MET B 16 34.66 27.10 25.98
N MET B 17 35.58 26.75 26.87
CA MET B 17 35.29 25.73 27.88
C MET B 17 34.32 26.25 28.94
N LYS B 18 34.46 27.52 29.33
CA LYS B 18 33.67 28.04 30.44
C LYS B 18 32.18 28.03 30.14
N ASN B 19 31.79 28.49 28.95
CA ASN B 19 30.38 28.47 28.56
C ASN B 19 29.94 27.15 27.96
N ASN B 20 30.72 26.07 28.17
CA ASN B 20 30.38 24.72 27.76
C ASN B 20 30.32 24.56 26.23
N ASN B 21 30.99 25.43 25.49
CA ASN B 21 30.98 25.31 24.03
C ASN B 21 31.80 24.14 23.53
N VAL B 22 32.83 23.73 24.25
CA VAL B 22 33.60 22.56 23.84
C VAL B 22 32.74 21.30 23.94
N SER B 23 31.87 21.23 24.95
CA SER B 23 30.95 20.09 25.05
C SER B 23 29.95 20.07 23.91
N LYS B 24 29.42 21.23 23.52
CA LYS B 24 28.52 21.28 22.37
C LYS B 24 29.23 20.86 21.09
N SER B 25 30.48 21.32 20.92
CA SER B 25 31.27 20.90 19.77
C SER B 25 31.49 19.39 19.78
N MET B 26 31.77 18.83 20.95
CA MET B 26 31.97 17.39 21.08
C MET B 26 30.71 16.61 20.72
N ALA B 27 29.56 17.09 21.19
CA ALA B 27 28.30 16.42 20.89
C ALA B 27 27.98 16.48 19.40
N TYR B 28 28.15 17.65 18.78
CA TYR B 28 27.90 17.75 17.34
C TYR B 28 28.88 16.89 16.55
N LEU B 29 30.15 16.88 16.94
CA LEU B 29 31.12 16.03 16.27
C LEU B 29 30.75 14.57 16.39
N GLU B 30 30.31 14.14 17.58
CA GLU B 30 29.89 12.76 17.78
C GLU B 30 28.71 12.43 16.88
N TYR B 31 27.72 13.32 16.82
CA TYR B 31 26.56 13.06 15.98
C TYR B 31 26.94 12.93 14.51
N THR B 32 27.71 13.89 13.99
CA THR B 32 28.01 13.87 12.56
C THR B 32 28.92 12.71 12.20
N LEU B 33 29.86 12.36 13.09
CA LEU B 33 30.74 11.23 12.81
C LEU B 33 29.99 9.91 12.90
N LEU B 34 29.03 9.81 13.83
CA LEU B 34 28.23 8.58 13.90
C LEU B 34 27.29 8.45 12.72
N ASN B 35 26.75 9.57 12.21
CA ASN B 35 25.96 9.50 11.00
C ASN B 35 26.81 9.15 9.78
N LYS B 36 28.06 9.61 9.75
CA LYS B 36 28.96 9.22 8.66
C LYS B 36 29.34 7.76 8.78
N SER B 37 29.43 7.24 10.00
CA SER B 37 29.90 5.88 10.23
C SER B 37 28.93 4.83 9.70
N LYS B 38 27.63 5.09 9.76
CA LYS B 38 26.68 4.08 9.31
C LYS B 38 26.76 3.84 7.81
N LYS B 39 26.96 4.90 7.02
CA LYS B 39 27.18 4.71 5.59
C LYS B 39 28.56 4.16 5.30
N SER B 40 29.58 4.63 6.03
CA SER B 40 30.95 4.17 5.90
C SER B 40 31.45 4.26 4.47
N ARG B 41 31.24 5.41 3.83
CA ARG B 41 31.71 5.61 2.47
C ARG B 41 33.23 5.62 2.42
N LYS B 42 33.77 4.99 1.38
CA LYS B 42 35.21 4.89 1.20
C LYS B 42 35.85 6.20 0.73
N THR B 43 35.04 7.18 0.33
CA THR B 43 35.53 8.41 -0.24
C THR B 43 35.03 9.61 0.57
N ASP B 44 35.03 9.46 1.89
CA ASP B 44 34.63 10.54 2.78
C ASP B 44 35.65 10.64 3.90
N TRP B 45 36.48 11.67 3.85
CA TRP B 45 37.63 11.80 4.74
C TRP B 45 37.29 12.68 5.93
N ILE B 46 37.82 12.32 7.09
CA ILE B 46 37.59 13.03 8.33
C ILE B 46 38.95 13.36 8.93
N SER B 47 39.06 14.58 9.46
CA SER B 47 40.26 14.97 10.18
C SER B 47 39.88 16.00 11.23
N CYS B 48 40.57 15.95 12.37
CA CYS B 48 40.26 16.84 13.47
C CYS B 48 41.55 17.44 14.02
N TYR B 49 41.52 18.74 14.25
CA TYR B 49 42.63 19.46 14.88
C TYR B 49 42.12 20.18 16.11
N LEU B 50 42.94 20.20 17.15
CA LEU B 50 42.64 20.96 18.36
C LEU B 50 43.51 22.21 18.38
N ALA B 51 42.86 23.35 18.56
CA ALA B 51 43.52 24.65 18.43
C ALA B 51 43.48 25.38 19.77
N ASN B 52 44.49 26.24 19.96
CA ASN B 52 44.65 27.04 21.19
C ASN B 52 44.76 26.14 22.42
N CYS B 53 45.46 25.03 22.26
CA CYS B 53 45.73 24.14 23.38
C CYS B 53 46.93 24.63 24.18
N PRO B 54 46.97 24.37 25.49
CA PRO B 54 48.11 24.81 26.30
C PRO B 54 49.38 24.07 25.93
N VAL B 55 49.29 22.77 25.69
CA VAL B 55 50.43 21.95 25.29
C VAL B 55 49.98 21.02 24.18
N SER B 56 50.95 20.56 23.38
CA SER B 56 50.66 19.65 22.27
C SER B 56 51.92 18.91 21.84
N GLU B 57 51.75 17.71 21.30
CA GLU B 57 52.85 16.93 20.75
C GLU B 57 52.64 16.71 19.26
N ASN B 58 53.53 17.29 18.46
CA ASN B 58 53.44 17.20 17.01
C ASN B 58 54.83 16.96 16.42
N SER B 59 54.86 16.23 15.29
CA SER B 59 56.12 16.01 14.60
C SER B 59 56.62 17.27 13.91
N GLN B 60 55.72 18.18 13.55
CA GLN B 60 56.06 19.40 12.83
C GLN B 60 56.56 20.50 13.76
N GLU B 61 56.51 20.29 15.07
CA GLU B 61 57.04 21.22 16.07
C GLU B 61 56.40 22.61 15.95
N ILE B 62 55.13 22.65 15.57
CA ILE B 62 54.36 23.89 15.53
C ILE B 62 53.51 23.94 16.81
N PRO B 63 53.74 24.90 17.70
CA PRO B 63 53.06 24.89 19.00
C PRO B 63 51.59 25.26 18.89
N ASN B 64 50.84 24.89 19.92
CA ASN B 64 49.45 25.27 20.15
C ASN B 64 48.49 24.70 19.11
N VAL B 65 48.96 23.82 18.24
CA VAL B 65 48.09 23.10 17.31
C VAL B 65 48.38 21.61 17.45
N PHE B 66 47.32 20.82 17.67
CA PHE B 66 47.44 19.39 17.85
C PHE B 66 46.42 18.69 16.96
N GLN B 67 46.89 17.73 16.16
CA GLN B 67 46.02 16.91 15.33
C GLN B 67 45.60 15.67 16.11
N ILE B 68 44.41 15.76 16.70
CA ILE B 68 43.86 14.62 17.43
C ILE B 68 43.56 13.46 16.49
N GLN B 69 42.96 13.77 15.34
CA GLN B 69 42.57 12.75 14.37
C GLN B 69 43.19 13.10 13.03
N SER B 70 43.91 12.14 12.44
CA SER B 70 44.48 12.33 11.12
C SER B 70 43.38 12.14 10.07
N PHE B 71 43.75 12.16 8.79
CA PHE B 71 42.77 11.98 7.74
C PHE B 71 42.34 10.52 7.68
N LEU B 72 41.06 10.29 7.96
CA LEU B 72 40.52 8.95 8.11
C LEU B 72 39.40 8.72 7.09
N ALA B 73 39.43 7.55 6.46
CA ALA B 73 38.35 7.10 5.59
C ALA B 73 38.50 5.61 5.31
N PRO B 74 37.42 4.83 5.41
CA PRO B 74 36.07 5.22 5.85
C PRO B 74 36.02 5.38 7.36
N VAL B 75 35.17 6.27 7.86
CA VAL B 75 35.00 6.44 9.30
C VAL B 75 34.10 5.33 9.82
N THR B 76 34.57 4.62 10.85
CA THR B 76 33.84 3.51 11.43
C THR B 76 33.37 3.89 12.84
N THR B 77 32.33 3.19 13.30
CA THR B 77 31.76 3.50 14.59
C THR B 77 32.76 3.32 15.72
N THR B 78 33.56 2.25 15.66
CA THR B 78 34.60 2.07 16.68
C THR B 78 35.61 3.20 16.63
N ALA B 79 35.99 3.62 15.42
CA ALA B 79 36.92 4.74 15.29
C ALA B 79 36.34 6.02 15.86
N THR B 80 35.05 6.27 15.59
CA THR B 80 34.41 7.48 16.11
C THR B 80 34.32 7.44 17.64
N ILE B 81 33.96 6.28 18.20
CA ILE B 81 33.87 6.17 19.65
C ILE B 81 35.23 6.40 20.28
N GLY B 82 36.27 5.77 19.71
CA GLY B 82 37.61 6.00 20.20
C GLY B 82 38.06 7.45 20.10
N PHE B 83 37.76 8.11 18.98
CA PHE B 83 38.14 9.51 18.81
C PHE B 83 37.42 10.40 19.82
N ILE B 84 36.13 10.15 20.05
CA ILE B 84 35.40 10.99 21.01
C ILE B 84 35.92 10.76 22.43
N LYS B 85 36.18 9.51 22.81
CA LYS B 85 36.75 9.26 24.14
C LYS B 85 38.14 9.87 24.28
N ARG B 86 38.98 9.79 23.24
CA ARG B 86 40.29 10.43 23.28
C ARG B 86 40.17 11.94 23.39
N LEU B 87 39.20 12.54 22.69
CA LEU B 87 38.96 13.97 22.83
C LEU B 87 38.53 14.32 24.25
N LYS B 88 37.67 13.50 24.86
CA LYS B 88 37.28 13.73 26.25
C LYS B 88 38.50 13.66 27.17
N GLN B 89 39.35 12.66 26.97
CA GLN B 89 40.53 12.50 27.80
C GLN B 89 41.47 13.69 27.64
N TYR B 90 41.68 14.15 26.41
CA TYR B 90 42.56 15.28 26.17
C TYR B 90 42.01 16.56 26.78
N CYS B 91 40.70 16.77 26.66
CA CYS B 91 40.08 17.98 27.22
C CYS B 91 40.14 17.97 28.74
N ASP B 92 39.89 16.81 29.36
CA ASP B 92 39.95 16.74 30.82
C ASP B 92 41.39 16.83 31.32
N GLN B 93 42.34 16.41 30.49
CA GLN B 93 43.74 16.46 30.90
C GLN B 93 44.20 17.90 31.14
N HIS B 94 43.83 18.82 30.25
CA HIS B 94 44.22 20.22 30.35
C HIS B 94 43.00 21.14 30.43
N SER B 95 42.03 20.78 31.26
CA SER B 95 40.82 21.59 31.34
C SER B 95 41.05 22.91 32.06
N HIS B 96 41.46 22.86 33.33
CA HIS B 96 41.65 24.08 34.10
C HIS B 96 43.00 24.09 34.82
N ASP B 97 43.51 22.91 35.15
CA ASP B 97 44.73 22.82 35.95
C ASP B 97 45.92 23.43 35.23
N SER B 98 46.01 23.23 33.91
CA SER B 98 47.16 23.68 33.12
C SER B 98 46.77 24.76 32.13
N SER B 99 46.02 25.76 32.58
CA SER B 99 45.64 26.88 31.72
C SER B 99 46.88 27.65 31.29
N ASN B 100 46.88 28.12 30.05
CA ASN B 100 48.03 28.83 29.51
C ASN B 100 47.91 30.33 29.79
N GLU B 101 48.99 31.05 29.49
CA GLU B 101 49.06 32.48 29.67
C GLU B 101 49.28 33.16 28.34
N GLY B 102 48.44 34.17 28.04
CA GLY B 102 48.55 34.90 26.80
C GLY B 102 47.71 34.31 25.69
N LEU B 103 47.14 35.15 24.85
CA LEU B 103 46.33 34.67 23.74
C LEU B 103 47.22 34.14 22.62
N GLN B 104 46.68 33.21 21.84
CA GLN B 104 47.38 32.58 20.74
C GLN B 104 46.60 32.79 19.44
N SER B 105 47.34 32.84 18.34
CA SER B 105 46.76 33.09 17.02
C SER B 105 46.16 31.79 16.51
N MET B 106 44.84 31.65 16.68
CA MET B 106 44.16 30.45 16.20
C MET B 106 44.12 30.40 14.68
N ILE B 107 44.06 31.57 14.04
CA ILE B 107 43.98 31.67 12.58
C ILE B 107 45.23 31.06 11.96
N GLN B 108 46.39 31.29 12.57
CA GLN B 108 47.61 30.63 12.12
C GLN B 108 47.48 29.11 12.12
N CYS B 109 46.76 28.56 13.10
CA CYS B 109 46.50 27.12 13.14
C CYS B 109 45.84 26.62 11.86
N LEU B 110 45.06 27.48 11.19
CA LEU B 110 44.48 27.10 9.91
C LEU B 110 45.56 26.82 8.87
N LEU B 111 46.57 27.70 8.79
CA LEU B 111 47.52 27.66 7.69
C LEU B 111 48.25 26.33 7.62
N VAL B 112 48.80 25.88 8.74
CA VAL B 112 49.45 24.57 8.77
C VAL B 112 48.47 23.48 8.33
N VAL B 113 47.24 23.54 8.84
CA VAL B 113 46.23 22.57 8.43
C VAL B 113 46.06 22.59 6.92
N SER B 114 46.04 23.80 6.33
CA SER B 114 45.93 23.91 4.88
C SER B 114 46.97 23.05 4.18
N LEU B 115 48.23 23.12 4.66
CA LEU B 115 49.29 22.33 4.05
C LEU B 115 48.94 20.85 4.07
N ASP B 116 48.47 20.36 5.21
CA ASP B 116 48.07 18.96 5.31
C ASP B 116 46.96 18.65 4.31
N ILE B 117 46.01 19.56 4.16
CA ILE B 117 44.93 19.34 3.19
C ILE B 117 45.51 19.25 1.79
N LYS B 118 46.53 20.06 1.51
CA LYS B 118 47.22 19.92 0.22
C LYS B 118 48.04 18.63 0.18
N GLN B 119 48.65 18.26 1.31
CA GLN B 119 49.58 17.13 1.32
C GLN B 119 48.85 15.82 1.08
N GLN B 120 47.67 15.66 1.69
CA GLN B 120 46.95 14.39 1.60
C GLN B 120 46.43 14.13 0.18
N PHE B 121 45.96 15.18 -0.50
CA PHE B 121 45.25 14.96 -1.75
C PHE B 121 46.03 15.46 -2.96
N GLN B 122 46.63 16.64 -2.86
CA GLN B 122 47.35 17.28 -3.96
C GLN B 122 46.53 17.35 -5.24
N ALA B 123 46.81 16.46 -6.19
CA ALA B 123 46.30 16.63 -7.55
C ALA B 123 44.82 16.27 -7.66
N ARG B 124 44.37 15.29 -6.87
CA ARG B 124 43.01 14.81 -7.01
C ARG B 124 41.99 15.90 -6.70
N LYS B 125 40.87 15.86 -7.43
CA LYS B 125 39.87 16.91 -7.39
C LYS B 125 38.75 16.63 -6.40
N ILE B 126 39.04 15.90 -5.32
CA ILE B 126 38.02 15.62 -4.32
C ILE B 126 37.65 16.91 -3.60
N LEU B 127 36.40 16.99 -3.15
CA LEU B 127 35.95 18.19 -2.44
C LEU B 127 36.62 18.28 -1.08
N LYS B 128 37.01 19.51 -0.72
CA LYS B 128 37.69 19.77 0.54
C LYS B 128 37.00 20.93 1.24
N GLN B 129 36.76 20.78 2.54
CA GLN B 129 36.14 21.82 3.34
C GLN B 129 36.77 21.84 4.72
N ILE B 130 36.69 22.99 5.39
CA ILE B 130 37.20 23.16 6.74
C ILE B 130 36.05 23.61 7.63
N VAL B 131 35.83 22.87 8.71
CA VAL B 131 34.82 23.22 9.70
C VAL B 131 35.55 23.65 10.97
N VAL B 132 35.30 24.87 11.42
CA VAL B 132 36.00 25.45 12.56
C VAL B 132 34.99 25.93 13.58
N PHE B 133 35.22 25.61 14.85
CA PHE B 133 34.36 26.02 15.95
C PHE B 133 35.11 27.04 16.79
N THR B 134 34.50 28.22 16.96
CA THR B 134 35.13 29.32 17.68
C THR B 134 34.13 29.98 18.60
N ASP B 135 34.65 30.63 19.64
CA ASP B 135 33.81 31.36 20.58
C ASP B 135 33.53 32.78 20.10
N ASN B 136 34.58 33.52 19.75
CA ASN B 136 34.48 34.90 19.32
C ASN B 136 35.15 35.09 17.97
N LEU B 137 34.64 36.03 17.19
CA LEU B 137 35.18 36.34 15.87
C LEU B 137 35.98 37.63 15.83
N ASP B 138 35.59 38.63 16.61
CA ASP B 138 36.28 39.91 16.60
C ASP B 138 37.58 39.91 17.39
N ASP B 139 37.76 39.00 18.33
CA ASP B 139 38.96 38.97 19.14
C ASP B 139 40.17 38.43 18.38
N LEU B 140 39.95 37.66 17.33
CA LEU B 140 41.04 37.09 16.54
C LEU B 140 41.57 38.11 15.54
N ASP B 141 42.87 38.03 15.27
CA ASP B 141 43.53 38.93 14.35
C ASP B 141 44.16 38.14 13.22
N ILE B 142 44.00 38.64 12.01
CA ILE B 142 44.49 37.99 10.80
C ILE B 142 45.38 39.00 10.07
N THR B 143 46.57 38.57 9.68
CA THR B 143 47.48 39.44 8.95
C THR B 143 46.92 39.72 7.56
N ASP B 144 47.07 40.99 7.14
CA ASP B 144 46.53 41.41 5.85
C ASP B 144 47.24 40.70 4.70
N GLU B 145 48.56 40.56 4.78
CA GLU B 145 49.31 39.88 3.74
C GLU B 145 49.08 38.38 3.75
N GLU B 146 48.64 37.81 4.87
CA GLU B 146 48.41 36.36 4.93
C GLU B 146 47.05 36.00 4.35
N ILE B 147 46.17 36.99 4.17
CA ILE B 147 44.86 36.71 3.58
C ILE B 147 45.02 36.25 2.14
N ASP B 148 45.86 36.96 1.37
CA ASP B 148 46.10 36.58 -0.02
C ASP B 148 46.79 35.23 -0.11
N LEU B 149 47.74 34.97 0.79
CA LEU B 149 48.42 33.69 0.80
C LEU B 149 47.46 32.55 1.10
N LEU B 150 46.56 32.74 2.07
CA LEU B 150 45.56 31.73 2.38
C LEU B 150 44.62 31.52 1.20
N THR B 151 44.18 32.60 0.57
CA THR B 151 43.27 32.51 -0.57
C THR B 151 43.90 31.80 -1.77
N GLU B 152 45.17 32.08 -2.08
CA GLU B 152 45.81 31.42 -3.21
C GLU B 152 46.15 29.97 -2.88
N GLU B 153 46.65 29.71 -1.67
CA GLU B 153 46.99 28.35 -1.28
C GLU B 153 45.74 27.49 -1.16
N LEU B 154 44.75 27.94 -0.40
CA LEU B 154 43.57 27.13 -0.17
C LEU B 154 42.60 27.23 -1.34
N SER B 155 42.13 26.06 -1.79
CA SER B 155 40.96 25.96 -2.67
C SER B 155 39.79 25.35 -1.94
N THR B 156 39.84 25.29 -0.61
CA THR B 156 38.83 24.63 0.19
C THR B 156 37.83 25.66 0.71
N ARG B 157 36.57 25.25 0.82
CA ARG B 157 35.53 26.10 1.37
C ARG B 157 35.64 26.14 2.88
N ILE B 158 35.58 27.33 3.44
CA ILE B 158 35.66 27.51 4.88
C ILE B 158 34.26 27.57 5.46
N ILE B 159 33.97 26.69 6.42
CA ILE B 159 32.70 26.69 7.13
C ILE B 159 32.98 27.06 8.57
N LEU B 160 32.54 28.24 8.98
CA LEU B 160 32.80 28.76 10.31
C LEU B 160 31.55 28.69 11.16
N ILE B 161 31.67 28.10 12.34
CA ILE B 161 30.56 27.98 13.27
C ILE B 161 30.94 28.74 14.53
N ASP B 162 30.21 29.81 14.81
CA ASP B 162 30.42 30.59 16.01
C ASP B 162 29.71 29.94 17.19
N CYS B 163 30.47 29.50 18.19
CA CYS B 163 29.89 28.84 19.34
C CYS B 163 29.40 29.80 20.40
N GLY B 164 29.61 31.11 20.22
CA GLY B 164 29.18 32.09 21.17
C GLY B 164 27.71 32.42 21.01
N LYS B 165 27.07 32.77 22.13
CA LYS B 165 25.65 33.13 22.15
C LYS B 165 25.52 34.51 22.79
N ASP B 166 26.47 35.39 22.49
CA ASP B 166 26.54 36.73 23.05
C ASP B 166 26.54 37.73 21.91
N THR B 167 25.37 38.25 21.57
CA THR B 167 25.26 39.23 20.49
C THR B 167 24.39 40.39 20.96
N GLN B 168 24.85 41.60 20.68
CA GLN B 168 24.13 42.80 21.08
C GLN B 168 23.07 43.17 20.05
N GLU B 169 22.28 44.20 20.33
CA GLU B 169 21.29 44.67 19.36
C GLU B 169 21.95 45.21 18.10
N GLU B 170 23.03 45.98 18.25
CA GLU B 170 23.82 46.37 17.10
C GLU B 170 24.61 45.17 16.57
N ARG B 171 24.73 45.10 15.25
CA ARG B 171 25.45 44.01 14.59
C ARG B 171 26.61 44.58 13.79
N LYS B 172 27.78 43.98 13.98
CA LYS B 172 28.98 44.38 13.26
C LYS B 172 29.84 43.14 13.06
N LYS B 173 30.34 42.98 11.84
CA LYS B 173 31.10 41.78 11.51
C LYS B 173 32.35 42.18 10.74
N SER B 174 33.44 41.46 11.01
CA SER B 174 34.71 41.70 10.34
C SER B 174 35.59 40.46 10.49
N ASN B 175 36.88 40.59 10.19
CA ASN B 175 37.86 39.52 10.39
C ASN B 175 37.46 38.28 9.61
N TRP B 176 36.88 37.29 10.31
CA TRP B 176 36.47 36.04 9.68
C TRP B 176 35.57 36.29 8.48
N LEU B 177 34.66 37.26 8.58
CA LEU B 177 33.77 37.57 7.47
C LEU B 177 34.57 37.99 6.24
N LYS B 178 35.62 38.81 6.46
CA LYS B 178 36.49 39.19 5.37
C LYS B 178 37.15 37.96 4.74
N LEU B 179 37.43 36.95 5.55
CA LEU B 179 37.87 35.67 5.00
C LEU B 179 36.73 34.93 4.31
N VAL B 180 35.52 35.01 4.85
CA VAL B 180 34.38 34.32 4.23
C VAL B 180 34.11 34.89 2.85
N GLU B 181 34.14 36.22 2.72
CA GLU B 181 34.02 36.83 1.40
C GLU B 181 35.21 36.48 0.52
N ALA B 182 36.37 36.25 1.14
CA ALA B 182 37.57 35.99 0.35
C ALA B 182 37.49 34.67 -0.39
N ILE B 183 37.15 33.59 0.31
CA ILE B 183 37.09 32.25 -0.28
C ILE B 183 35.64 31.98 -0.66
N PRO B 184 35.34 31.66 -1.92
CA PRO B 184 33.96 31.41 -2.32
C PRO B 184 33.40 30.17 -1.66
N ASN B 185 32.07 30.08 -1.63
CA ASN B 185 31.32 28.96 -1.06
C ASN B 185 31.52 28.86 0.44
N SER B 186 31.96 29.95 1.07
CA SER B 186 32.16 29.98 2.51
C SER B 186 30.87 30.49 3.18
N ARG B 187 30.68 30.17 4.46
CA ARG B 187 29.48 30.58 5.17
C ARG B 187 29.68 30.50 6.69
N ILE B 188 28.79 31.12 7.45
CA ILE B 188 28.89 31.18 8.90
C ILE B 188 27.58 30.67 9.50
N TYR B 189 27.69 29.98 10.63
CA TYR B 189 26.55 29.42 11.33
C TYR B 189 26.67 29.69 12.83
N ASN B 190 25.57 29.53 13.54
CA ASN B 190 25.57 29.62 14.99
C ASN B 190 25.34 28.24 15.59
N MET B 191 26.01 27.97 16.70
CA MET B 191 26.05 26.62 17.25
C MET B 191 24.67 26.14 17.68
N ASN B 192 23.78 27.06 18.06
CA ASN B 192 22.43 26.66 18.44
C ASN B 192 21.68 26.05 17.25
N GLU B 193 21.86 26.62 16.06
CA GLU B 193 21.22 26.05 14.87
C GLU B 193 21.71 24.63 14.61
N LEU B 194 23.03 24.41 14.74
CA LEU B 194 23.56 23.07 14.54
C LEU B 194 23.03 22.10 15.58
N LEU B 195 22.99 22.53 16.85
CA LEU B 195 22.48 21.64 17.89
C LEU B 195 21.00 21.33 17.69
N VAL B 196 20.23 22.29 17.17
CA VAL B 196 18.83 22.02 16.85
C VAL B 196 18.73 21.03 15.70
N GLU B 197 19.55 21.22 14.66
CA GLU B 197 19.46 20.38 13.47
C GLU B 197 19.80 18.92 13.74
N ILE B 198 20.74 18.66 14.65
CA ILE B 198 21.14 17.27 14.90
C ILE B 198 20.10 16.55 15.74
N THR B 199 19.24 17.28 16.44
CA THR B 199 18.19 16.65 17.23
C THR B 199 16.89 16.45 16.45
N SER B 200 16.73 17.11 15.31
CA SER B 200 15.55 16.93 14.50
C SER B 200 15.63 15.62 13.72
N PRO B 201 14.49 15.04 13.36
CA PRO B 201 14.50 13.82 12.55
C PRO B 201 15.08 14.08 11.16
N ALA B 202 16.14 13.35 10.84
CA ALA B 202 16.85 13.52 9.57
C ALA B 202 16.18 12.66 8.51
N THR B 203 15.33 13.29 7.69
CA THR B 203 14.64 12.60 6.62
C THR B 203 15.64 12.17 5.54
N SER B 204 15.34 11.03 4.92
CA SER B 204 16.20 10.52 3.86
C SER B 204 15.85 11.17 2.52
N VAL B 205 16.82 11.15 1.61
CA VAL B 205 16.62 11.61 0.24
C VAL B 205 17.10 10.53 -0.70
N VAL B 206 16.19 10.03 -1.54
CA VAL B 206 16.49 8.95 -2.48
C VAL B 206 16.46 9.52 -3.88
N LYS B 207 17.51 9.29 -4.65
CA LYS B 207 17.60 9.78 -6.03
C LYS B 207 16.68 8.99 -6.94
N PRO B 208 15.81 9.65 -7.69
CA PRO B 208 14.91 8.93 -8.61
C PRO B 208 15.66 8.17 -9.68
N VAL B 209 15.14 7.01 -10.09
CA VAL B 209 15.83 6.16 -11.05
C VAL B 209 15.23 6.33 -12.44
N ARG B 210 13.95 5.97 -12.57
CA ARG B 210 13.15 5.77 -13.79
C ARG B 210 12.71 4.31 -13.81
N VAL B 211 11.41 4.07 -13.78
CA VAL B 211 10.89 2.71 -13.69
C VAL B 211 10.29 2.29 -15.02
N PHE B 212 10.05 3.25 -15.90
CA PHE B 212 9.38 3.00 -17.17
C PHE B 212 9.78 4.06 -18.17
N SER B 213 9.98 3.63 -19.41
CA SER B 213 10.19 4.53 -20.54
C SER B 213 9.42 3.98 -21.73
N GLY B 214 8.60 4.81 -22.34
CA GLY B 214 7.75 4.36 -23.43
C GLY B 214 6.86 5.47 -23.93
N GLU B 215 5.62 5.15 -24.26
CA GLU B 215 4.70 6.16 -24.80
C GLU B 215 3.36 6.10 -24.10
N LEU B 216 2.83 7.28 -23.79
CA LEU B 216 1.44 7.48 -23.40
C LEU B 216 0.67 7.77 -24.68
N ARG B 217 -0.26 6.89 -25.02
CA ARG B 217 -0.93 6.91 -26.32
C ARG B 217 -2.44 6.83 -26.13
N LEU B 218 -3.14 7.75 -26.79
CA LEU B 218 -4.61 7.75 -26.84
C LEU B 218 -5.03 7.48 -28.27
N GLY B 219 -5.80 6.42 -28.47
CA GLY B 219 -6.32 6.09 -29.79
C GLY B 219 -5.41 5.27 -30.67
N ALA B 220 -4.31 4.74 -30.13
CA ALA B 220 -3.42 3.93 -30.94
C ALA B 220 -4.10 2.60 -31.31
N ASP B 221 -3.59 1.98 -32.37
CA ASP B 221 -4.11 0.70 -32.83
C ASP B 221 -3.34 -0.43 -32.15
N ILE B 222 -4.06 -1.40 -31.59
CA ILE B 222 -3.46 -2.46 -30.81
C ILE B 222 -2.62 -3.38 -31.69
N LEU B 223 -2.77 -3.25 -33.01
CA LEU B 223 -2.00 -4.08 -33.93
C LEU B 223 -0.53 -3.70 -33.96
N SER B 224 -0.23 -2.41 -33.95
CA SER B 224 1.15 -1.94 -34.05
C SER B 224 1.81 -1.76 -32.69
N THR B 225 1.02 -1.48 -31.65
CA THR B 225 1.57 -1.26 -30.32
C THR B 225 1.61 -2.51 -29.46
N GLN B 226 1.17 -3.65 -29.99
CA GLN B 226 1.21 -4.90 -29.24
C GLN B 226 1.78 -6.04 -30.07
N THR B 227 2.93 -5.81 -30.73
CA THR B 227 3.54 -6.82 -31.57
C THR B 227 5.05 -6.80 -31.34
N SER B 228 5.68 -7.94 -31.64
CA SER B 228 7.13 -8.08 -31.48
C SER B 228 7.87 -7.33 -32.58
N ASN B 229 7.73 -6.01 -32.58
CA ASN B 229 8.25 -5.08 -33.57
C ASN B 229 8.50 -3.77 -32.83
N PRO B 230 8.96 -2.71 -33.50
CA PRO B 230 8.88 -1.39 -32.86
C PRO B 230 7.46 -1.15 -32.37
N SER B 231 7.30 -1.18 -31.05
CA SER B 231 5.98 -1.32 -30.42
C SER B 231 5.48 -0.01 -29.82
N GLY B 232 5.71 1.11 -30.52
CA GLY B 232 5.18 2.38 -30.11
C GLY B 232 4.12 2.87 -31.08
N SER B 233 3.71 4.12 -30.87
CA SER B 233 2.88 4.84 -31.83
C SER B 233 3.67 5.88 -32.60
N MET B 234 5.00 5.71 -32.69
CA MET B 234 5.84 6.64 -33.44
C MET B 234 5.47 6.62 -34.91
N GLN B 235 4.99 5.48 -35.40
CA GLN B 235 4.46 5.34 -36.75
C GLN B 235 2.96 5.54 -36.70
N ASP B 236 2.54 6.80 -36.70
CA ASP B 236 1.14 7.15 -36.52
C ASP B 236 0.74 8.21 -37.53
N GLU B 237 -0.56 8.26 -37.84
CA GLU B 237 -1.12 9.28 -38.71
C GLU B 237 -2.38 9.87 -38.09
N ASN B 238 -3.03 9.10 -37.21
CA ASN B 238 -4.18 9.60 -36.47
C ASN B 238 -4.23 8.90 -35.11
N CYS B 239 -3.57 9.50 -34.13
CA CYS B 239 -3.60 9.07 -32.74
C CYS B 239 -2.75 10.03 -31.92
N LEU B 240 -2.80 9.94 -30.61
CA LEU B 240 -1.97 10.77 -29.73
C LEU B 240 -0.87 9.90 -29.14
N CYS B 241 0.38 10.29 -29.39
CA CYS B 241 1.55 9.60 -28.83
C CYS B 241 2.43 10.63 -28.16
N ILE B 242 2.82 10.37 -26.91
CA ILE B 242 3.73 11.22 -26.16
C ILE B 242 4.79 10.35 -25.50
N LYS B 243 6.05 10.61 -25.80
CA LYS B 243 7.13 9.91 -25.12
C LYS B 243 7.10 10.27 -23.64
N VAL B 244 7.29 9.27 -22.78
CA VAL B 244 6.99 9.42 -21.37
C VAL B 244 7.86 8.48 -20.55
N GLU B 245 8.20 8.92 -19.35
CA GLU B 245 8.95 8.10 -18.40
C GLU B 245 8.33 8.23 -17.02
N ALA B 246 8.55 7.20 -16.20
CA ALA B 246 7.90 7.08 -14.91
C ALA B 246 8.94 6.91 -13.81
N PHE B 247 8.69 7.56 -12.68
CA PHE B 247 9.56 7.57 -11.52
C PHE B 247 8.74 7.29 -10.28
N PRO B 248 9.35 6.76 -9.21
CA PRO B 248 8.60 6.57 -7.97
C PRO B 248 8.11 7.89 -7.38
N ALA B 249 6.91 7.86 -6.79
CA ALA B 249 6.29 9.03 -6.19
C ALA B 249 6.05 8.86 -4.70
N THR B 250 5.45 7.75 -4.29
CA THR B 250 5.41 7.34 -2.89
C THR B 250 5.77 5.88 -2.83
N LYS B 251 6.63 5.51 -1.90
CA LYS B 251 7.04 4.11 -1.78
C LYS B 251 7.21 3.79 -0.30
N ALA B 252 6.57 2.71 0.15
CA ALA B 252 6.54 2.38 1.57
C ALA B 252 7.95 2.09 2.08
N VAL B 253 8.44 2.92 2.99
CA VAL B 253 9.76 2.73 3.56
C VAL B 253 9.69 1.65 4.64
N SER B 254 10.63 0.71 4.58
CA SER B 254 10.77 -0.29 5.62
C SER B 254 11.65 0.26 6.73
N GLY B 255 11.35 -0.14 7.96
CA GLY B 255 12.09 0.37 9.10
C GLY B 255 13.54 -0.09 9.10
N LEU B 256 14.36 0.51 9.94
CA LEU B 256 15.75 0.11 10.04
C LEU B 256 15.84 -1.37 10.40
N ASN B 257 16.49 -2.14 9.52
CA ASN B 257 16.49 -3.59 9.64
C ASN B 257 17.43 -4.06 10.75
N ARG B 258 17.48 -5.37 10.96
CA ARG B 258 18.35 -5.96 11.96
C ARG B 258 19.16 -7.09 11.34
N LYS B 259 20.27 -7.46 11.96
CA LYS B 259 21.10 -8.54 11.43
C LYS B 259 20.91 -9.78 12.28
N THR B 260 20.45 -10.86 11.67
CA THR B 260 20.36 -12.14 12.35
C THR B 260 21.76 -12.71 12.49
N ALA B 261 22.29 -12.70 13.71
CA ALA B 261 23.69 -13.00 13.92
C ALA B 261 23.83 -13.96 15.09
N VAL B 262 24.97 -14.64 15.13
CA VAL B 262 25.28 -15.61 16.17
C VAL B 262 26.45 -15.09 16.98
N GLU B 263 26.36 -15.24 18.29
CA GLU B 263 27.44 -14.84 19.20
C GLU B 263 28.65 -15.74 18.99
N VAL B 264 29.84 -15.15 19.05
CA VAL B 264 31.09 -15.87 18.95
C VAL B 264 31.75 -15.88 20.33
N GLU B 265 32.34 -17.02 20.67
CA GLU B 265 33.14 -17.14 21.90
C GLU B 265 34.56 -16.69 21.61
N ASP B 266 34.86 -15.43 21.90
CA ASP B 266 36.14 -14.82 21.56
C ASP B 266 36.90 -14.49 22.83
N SER B 267 38.22 -14.71 22.80
CA SER B 267 39.06 -14.41 23.96
C SER B 267 39.09 -12.93 24.28
N GLN B 268 38.88 -12.05 23.30
CA GLN B 268 38.96 -10.62 23.54
C GLN B 268 37.77 -10.10 24.35
N LYS B 269 36.71 -10.89 24.46
CA LYS B 269 35.52 -10.52 25.25
C LYS B 269 34.94 -9.19 24.80
N LYS B 270 34.61 -9.10 23.51
CA LYS B 270 33.96 -7.93 22.95
C LYS B 270 32.50 -8.19 22.59
N GLU B 271 31.99 -9.38 22.90
CA GLU B 271 30.63 -9.78 22.56
C GLU B 271 30.38 -9.61 21.07
N ARG B 272 31.06 -10.41 20.25
CA ARG B 272 31.02 -10.26 18.80
C ARG B 272 29.92 -11.13 18.22
N TYR B 273 29.22 -10.59 17.22
CA TYR B 273 28.15 -11.29 16.53
C TYR B 273 28.49 -11.38 15.04
N VAL B 274 28.46 -12.58 14.50
CA VAL B 274 28.71 -12.79 13.07
C VAL B 274 27.39 -13.09 12.37
N GLY B 275 27.18 -12.43 11.22
CA GLY B 275 25.96 -12.63 10.46
C GLY B 275 25.89 -14.01 9.82
N VAL B 276 24.70 -14.58 9.82
CA VAL B 276 24.46 -15.92 9.28
C VAL B 276 24.37 -15.85 7.77
N LYS B 277 24.49 -17.01 7.11
CA LYS B 277 24.26 -17.11 5.67
C LYS B 277 22.85 -17.61 5.41
N SER B 278 22.37 -17.34 4.20
CA SER B 278 21.03 -17.72 3.77
C SER B 278 21.12 -18.76 2.67
N ILE B 279 21.00 -20.01 3.02
CA ILE B 279 21.03 -21.11 2.07
C ILE B 279 19.67 -21.79 2.08
N ILE B 280 19.14 -22.06 0.88
CA ILE B 280 17.79 -22.58 0.70
C ILE B 280 17.91 -24.06 0.35
N GLU B 281 17.13 -24.89 1.03
CA GLU B 281 17.09 -26.32 0.78
C GLU B 281 15.64 -26.75 0.59
N TYR B 282 15.46 -27.82 -0.17
CA TYR B 282 14.15 -28.41 -0.39
C TYR B 282 14.14 -29.83 0.16
N GLU B 283 13.20 -30.12 1.03
CA GLU B 283 13.09 -31.43 1.68
C GLU B 283 11.67 -31.95 1.50
N ILE B 284 11.56 -33.28 1.36
CA ILE B 284 10.27 -33.95 1.26
C ILE B 284 10.18 -34.97 2.39
N HIS B 285 8.94 -35.38 2.68
CA HIS B 285 8.68 -36.31 3.77
C HIS B 285 8.18 -37.62 3.20
N ASN B 286 9.03 -38.66 3.26
CA ASN B 286 8.66 -39.99 2.79
C ASN B 286 8.00 -40.72 3.95
N GLU B 287 6.87 -41.35 3.68
CA GLU B 287 6.15 -42.11 4.69
C GLU B 287 6.95 -43.36 5.09
N GLY B 288 6.63 -43.88 6.27
CA GLY B 288 7.27 -45.08 6.76
C GLY B 288 6.29 -46.03 7.42
N ASN B 289 6.42 -47.32 7.13
CA ASN B 289 5.52 -48.34 7.65
C ASN B 289 6.22 -49.13 8.75
N LYS B 290 5.62 -49.16 9.93
CA LYS B 290 6.12 -49.97 11.03
C LYS B 290 4.94 -50.54 11.80
N LYS B 291 5.16 -51.69 12.41
CA LYS B 291 4.15 -52.35 13.24
C LYS B 291 4.64 -52.40 14.67
N ASN B 292 4.09 -51.55 15.52
CA ASN B 292 4.46 -51.49 16.92
C ASN B 292 3.23 -51.69 17.79
N VAL B 293 3.39 -52.48 18.86
CA VAL B 293 2.26 -52.79 19.72
C VAL B 293 1.96 -51.60 20.63
N SER B 294 0.73 -51.07 20.52
CA SER B 294 0.29 -49.96 21.35
C SER B 294 -1.23 -49.85 21.31
N GLU B 295 -1.82 -49.29 22.37
CA GLU B 295 -3.26 -49.10 22.40
C GLU B 295 -3.70 -47.96 21.49
N ASP B 296 -2.80 -47.00 21.24
CA ASP B 296 -3.11 -45.85 20.41
C ASP B 296 -3.01 -46.20 18.93
N ASP B 297 -3.55 -45.35 18.06
CA ASP B 297 -3.46 -45.54 16.62
C ASP B 297 -2.11 -45.11 16.07
N GLN B 298 -1.39 -44.28 16.84
CA GLN B 298 -0.08 -43.75 16.45
C GLN B 298 -0.17 -43.02 15.10
N SER B 299 -1.09 -42.06 15.04
CA SER B 299 -1.32 -41.25 13.85
C SER B 299 -0.63 -39.90 13.93
N GLY B 300 0.31 -39.74 14.86
CA GLY B 300 1.08 -38.51 14.98
C GLY B 300 2.03 -38.31 13.82
N SER B 301 2.58 -37.11 13.70
CA SER B 301 3.52 -36.82 12.62
C SER B 301 4.73 -37.73 12.70
N SER B 302 4.92 -38.53 11.65
CA SER B 302 6.02 -39.48 11.60
C SER B 302 6.42 -39.78 10.15
N TYR B 303 7.50 -39.16 9.70
CA TYR B 303 8.00 -39.33 8.34
C TYR B 303 9.52 -39.22 8.36
N ILE B 304 10.14 -39.63 7.25
CA ILE B 304 11.58 -39.43 7.09
C ILE B 304 11.81 -38.28 6.13
N PRO B 305 12.43 -37.18 6.58
CA PRO B 305 12.76 -36.09 5.66
C PRO B 305 13.99 -36.42 4.83
N VAL B 306 13.94 -36.04 3.57
CA VAL B 306 15.04 -36.22 2.64
C VAL B 306 15.20 -34.95 1.82
N THR B 307 16.41 -34.42 1.78
CA THR B 307 16.69 -33.18 1.05
C THR B 307 17.09 -33.50 -0.39
N ILE B 308 16.38 -32.91 -1.34
CA ILE B 308 16.71 -33.00 -2.75
C ILE B 308 16.84 -31.59 -3.31
N SER B 309 17.70 -31.46 -4.32
CA SER B 309 17.98 -30.15 -4.90
C SER B 309 16.77 -29.63 -5.67
N LYS B 310 16.74 -28.32 -5.89
CA LYS B 310 15.63 -27.64 -6.55
C LYS B 310 15.49 -28.02 -8.01
N ASP B 311 16.52 -28.64 -8.61
CA ASP B 311 16.41 -29.06 -10.01
C ASP B 311 15.45 -30.22 -10.18
N SER B 312 15.22 -31.00 -9.12
CA SER B 312 14.29 -32.12 -9.15
C SER B 312 12.93 -31.75 -8.57
N VAL B 313 12.72 -30.48 -8.24
CA VAL B 313 11.46 -29.98 -7.69
C VAL B 313 10.82 -29.06 -8.70
N THR B 314 9.56 -29.33 -9.02
CA THR B 314 8.83 -28.57 -10.04
C THR B 314 7.60 -27.94 -9.41
N LYS B 315 7.17 -26.83 -10.00
CA LYS B 315 6.04 -26.06 -9.48
C LYS B 315 4.73 -26.67 -9.97
N ALA B 316 3.81 -26.93 -9.04
CA ALA B 316 2.48 -27.43 -9.37
C ALA B 316 1.45 -26.35 -9.07
N TYR B 317 0.80 -25.87 -10.12
CA TYR B 317 -0.17 -24.80 -9.99
C TYR B 317 -1.52 -25.35 -9.58
N ARG B 318 -2.27 -24.58 -8.80
CA ARG B 318 -3.54 -25.02 -8.25
C ARG B 318 -4.69 -24.48 -9.10
N TYR B 319 -5.53 -25.37 -9.59
CA TYR B 319 -6.78 -25.05 -10.24
C TYR B 319 -7.88 -25.76 -9.46
N GLY B 320 -8.66 -25.01 -8.69
CA GLY B 320 -9.69 -25.59 -7.87
C GLY B 320 -9.14 -26.56 -6.84
N ALA B 321 -9.40 -27.85 -7.04
CA ALA B 321 -8.90 -28.89 -6.15
C ALA B 321 -7.85 -29.76 -6.83
N ASP B 322 -7.28 -29.31 -7.94
CA ASP B 322 -6.30 -30.08 -8.70
C ASP B 322 -4.99 -29.31 -8.76
N TYR B 323 -3.91 -29.94 -8.30
CA TYR B 323 -2.57 -29.38 -8.45
C TYR B 323 -1.90 -30.03 -9.64
N VAL B 324 -1.69 -29.25 -10.70
CA VAL B 324 -1.23 -29.76 -11.98
C VAL B 324 0.16 -29.22 -12.28
N VAL B 325 1.01 -30.10 -12.82
CA VAL B 325 2.32 -29.71 -13.32
C VAL B 325 2.26 -29.67 -14.84
N LEU B 326 2.44 -28.50 -15.41
CA LEU B 326 2.38 -28.30 -16.84
C LEU B 326 3.70 -28.68 -17.49
N PRO B 327 3.68 -29.05 -18.77
CA PRO B 327 4.93 -29.18 -19.52
C PRO B 327 5.56 -27.83 -19.78
N SER B 328 6.81 -27.87 -20.25
CA SER B 328 7.59 -26.65 -20.47
C SER B 328 6.91 -25.73 -21.49
N VAL B 329 6.39 -26.31 -22.57
CA VAL B 329 5.74 -25.50 -23.61
C VAL B 329 4.50 -24.81 -23.06
N LEU B 330 3.68 -25.52 -22.27
CA LEU B 330 2.49 -24.91 -21.70
C LEU B 330 2.84 -23.86 -20.64
N VAL B 331 3.89 -24.08 -19.86
CA VAL B 331 4.34 -23.06 -18.92
C VAL B 331 4.78 -21.81 -19.68
N ASP B 332 5.48 -22.01 -20.81
CA ASP B 332 5.85 -20.87 -21.65
C ASP B 332 4.62 -20.14 -22.16
N GLN B 333 3.59 -20.88 -22.55
CA GLN B 333 2.35 -20.27 -23.00
C GLN B 333 1.55 -19.65 -21.86
N THR B 334 1.85 -19.98 -20.61
CA THR B 334 1.10 -19.44 -19.48
C THR B 334 1.39 -17.96 -19.24
N VAL B 335 2.54 -17.46 -19.70
CA VAL B 335 2.88 -16.06 -19.48
C VAL B 335 2.16 -15.20 -20.51
N TYR B 336 1.62 -14.08 -20.06
CA TYR B 336 0.93 -13.16 -20.95
C TYR B 336 1.95 -12.27 -21.65
N GLU B 337 1.87 -12.21 -22.97
CA GLU B 337 2.81 -11.45 -23.78
C GLU B 337 2.34 -9.99 -23.84
N SER B 338 3.06 -9.12 -23.15
CA SER B 338 2.68 -7.72 -23.02
C SER B 338 3.77 -6.83 -23.62
N PHE B 339 3.44 -5.54 -23.78
CA PHE B 339 4.35 -4.57 -24.38
C PHE B 339 4.17 -3.23 -23.68
N PRO B 340 5.26 -2.59 -23.24
CA PRO B 340 5.16 -1.39 -22.41
C PRO B 340 4.45 -0.22 -23.09
N GLY B 341 3.64 0.48 -22.30
CA GLY B 341 2.91 1.61 -22.82
C GLY B 341 1.85 2.04 -21.84
N LEU B 342 1.32 3.24 -22.09
CA LEU B 342 0.29 3.87 -21.26
C LEU B 342 -0.87 4.20 -22.17
N ASP B 343 -1.79 3.26 -22.35
CA ASP B 343 -2.89 3.40 -23.30
C ASP B 343 -4.08 4.03 -22.60
N LEU B 344 -4.41 5.28 -22.97
CA LEU B 344 -5.52 5.99 -22.35
C LEU B 344 -6.85 5.43 -22.81
N ARG B 345 -7.77 5.20 -21.87
CA ARG B 345 -9.12 4.79 -22.22
C ARG B 345 -10.07 5.97 -22.23
N GLY B 346 -10.10 6.76 -21.16
CA GLY B 346 -11.01 7.86 -21.06
C GLY B 346 -10.74 8.68 -19.81
N PHE B 347 -11.48 9.78 -19.69
CA PHE B 347 -11.28 10.77 -18.65
C PHE B 347 -12.54 10.92 -17.81
N LEU B 348 -12.41 10.73 -16.51
CA LEU B 348 -13.50 10.87 -15.56
C LEU B 348 -13.13 11.88 -14.49
N ASN B 349 -14.14 12.41 -13.81
CA ASN B 349 -13.90 13.36 -12.73
C ASN B 349 -13.24 12.68 -11.55
N ARG B 350 -12.66 13.50 -10.66
CA ARG B 350 -12.05 12.94 -9.46
C ARG B 350 -13.09 12.28 -8.56
N GLU B 351 -14.25 12.92 -8.41
CA GLU B 351 -15.28 12.39 -7.53
C GLU B 351 -16.04 11.24 -8.16
N ALA B 352 -15.96 11.09 -9.49
CA ALA B 352 -16.56 9.92 -10.13
C ALA B 352 -15.72 8.67 -9.93
N LEU B 353 -14.48 8.85 -9.46
CA LEU B 353 -13.61 7.73 -9.14
C LEU B 353 -13.52 7.62 -7.63
N PRO B 354 -14.09 6.58 -7.02
CA PRO B 354 -14.00 6.44 -5.56
C PRO B 354 -12.56 6.36 -5.06
N ARG B 355 -12.30 6.94 -3.90
CA ARG B 355 -10.96 7.00 -3.35
C ARG B 355 -10.38 5.63 -2.99
N TYR B 356 -11.21 4.68 -2.58
CA TYR B 356 -10.70 3.37 -2.18
C TYR B 356 -10.30 2.53 -3.37
N PHE B 357 -10.61 2.96 -4.59
CA PHE B 357 -10.21 2.21 -5.77
C PHE B 357 -8.70 2.13 -5.89
N LEU B 358 -8.00 3.24 -5.67
CA LEU B 358 -6.54 3.29 -5.80
C LEU B 358 -5.89 2.31 -4.82
N THR B 359 -5.16 1.33 -5.34
CA THR B 359 -4.65 0.24 -4.52
C THR B 359 -3.16 0.01 -4.67
N SER B 360 -2.39 1.03 -5.05
CA SER B 360 -0.95 0.86 -5.19
C SER B 360 -0.20 2.17 -4.98
N GLU B 361 1.12 2.07 -4.91
CA GLU B 361 1.99 3.23 -4.75
C GLU B 361 1.98 4.10 -6.00
N SER B 362 2.03 5.41 -5.83
CA SER B 362 1.93 6.37 -6.92
C SER B 362 3.24 6.43 -7.69
N SER B 363 3.17 6.92 -8.93
CA SER B 363 4.36 7.11 -9.76
C SER B 363 4.22 8.35 -10.64
N PHE B 364 5.28 9.13 -10.73
CA PHE B 364 5.32 10.26 -11.66
C PHE B 364 5.38 9.77 -13.10
N ILE B 365 4.52 10.31 -13.94
CA ILE B 365 4.59 10.18 -15.38
C ILE B 365 4.95 11.55 -15.92
N THR B 366 6.03 11.62 -16.70
CA THR B 366 6.50 12.92 -17.18
C THR B 366 7.00 12.77 -18.61
N ALA B 367 7.02 13.88 -19.32
CA ALA B 367 7.54 13.86 -20.69
C ALA B 367 8.98 13.42 -20.67
N ASP B 368 9.32 12.50 -21.58
CA ASP B 368 10.65 11.95 -21.65
C ASP B 368 11.55 12.95 -22.35
N THR B 369 12.60 13.38 -21.66
CA THR B 369 13.49 14.42 -22.15
C THR B 369 14.86 13.92 -22.57
N ARG B 370 15.18 12.66 -22.29
CA ARG B 370 16.44 12.08 -22.72
C ARG B 370 16.33 11.35 -24.05
N LEU B 371 15.14 10.88 -24.43
CA LEU B 371 14.88 10.32 -25.74
C LEU B 371 13.82 11.07 -26.52
N GLY B 372 13.10 11.98 -25.87
CA GLY B 372 12.07 12.75 -26.54
C GLY B 372 12.58 14.08 -27.06
N CYS B 373 11.65 15.00 -27.22
CA CYS B 373 11.99 16.33 -27.76
C CYS B 373 11.12 17.36 -27.06
N GLN B 374 11.21 18.60 -27.55
CA GLN B 374 10.35 19.66 -27.04
C GLN B 374 8.87 19.39 -27.33
N SER B 375 8.59 18.65 -28.41
CA SER B 375 7.20 18.33 -28.74
C SER B 375 6.55 17.50 -27.64
N ASP B 376 7.27 16.49 -27.15
CA ASP B 376 6.74 15.69 -26.05
C ASP B 376 6.49 16.55 -24.82
N LEU B 377 7.42 17.44 -24.51
CA LEU B 377 7.25 18.29 -23.33
C LEU B 377 6.02 19.18 -23.48
N MET B 378 5.84 19.82 -24.63
CA MET B 378 4.71 20.72 -24.80
C MET B 378 3.39 19.95 -24.77
N ALA B 379 3.34 18.80 -25.45
CA ALA B 379 2.12 18.00 -25.49
C ALA B 379 1.75 17.50 -24.10
N PHE B 380 2.74 17.02 -23.36
CA PHE B 380 2.48 16.51 -22.02
C PHE B 380 2.04 17.63 -21.08
N SER B 381 2.69 18.79 -21.18
CA SER B 381 2.28 19.92 -20.35
C SER B 381 0.84 20.34 -20.67
N ALA B 382 0.48 20.40 -21.95
CA ALA B 382 -0.90 20.75 -22.32
C ALA B 382 -1.89 19.71 -21.80
N LEU B 383 -1.54 18.43 -21.92
CA LEU B 383 -2.42 17.37 -21.42
C LEU B 383 -2.65 17.50 -19.92
N VAL B 384 -1.56 17.68 -19.16
CA VAL B 384 -1.69 17.80 -17.72
C VAL B 384 -2.46 19.06 -17.36
N ASP B 385 -2.25 20.14 -18.12
CA ASP B 385 -2.93 21.39 -17.82
C ASP B 385 -4.44 21.26 -18.03
N VAL B 386 -4.85 20.61 -19.13
CA VAL B 386 -6.29 20.47 -19.35
C VAL B 386 -6.90 19.48 -18.35
N MET B 387 -6.18 18.41 -18.00
CA MET B 387 -6.69 17.50 -16.98
C MET B 387 -6.87 18.21 -15.64
N LEU B 388 -5.91 19.05 -15.28
CA LEU B 388 -6.00 19.80 -14.02
C LEU B 388 -7.12 20.81 -14.07
N GLU B 389 -7.27 21.52 -15.20
CA GLU B 389 -8.30 22.54 -15.31
C GLU B 389 -9.69 21.93 -15.21
N ASN B 390 -9.91 20.79 -15.87
CA ASN B 390 -11.22 20.18 -15.84
C ASN B 390 -11.40 19.20 -14.68
N ARG B 391 -10.42 19.13 -13.77
CA ARG B 391 -10.48 18.24 -12.62
C ARG B 391 -10.61 16.78 -13.06
N LYS B 392 -10.00 16.44 -14.19
CA LYS B 392 -10.10 15.11 -14.75
C LYS B 392 -9.05 14.19 -14.14
N ILE B 393 -9.37 12.90 -14.14
CA ILE B 393 -8.41 11.84 -13.86
C ILE B 393 -8.58 10.80 -14.95
N ALA B 394 -7.51 10.46 -15.63
CA ALA B 394 -7.58 9.54 -16.75
C ALA B 394 -7.47 8.10 -16.27
N VAL B 395 -8.16 7.21 -16.98
CA VAL B 395 -8.04 5.77 -16.75
C VAL B 395 -7.22 5.20 -17.90
N ALA B 396 -6.27 4.33 -17.57
CA ALA B 396 -5.33 3.88 -18.60
C ALA B 396 -4.92 2.45 -18.34
N ARG B 397 -4.48 1.80 -19.41
CA ARG B 397 -3.88 0.47 -19.35
C ARG B 397 -2.36 0.64 -19.40
N TYR B 398 -1.69 0.24 -18.33
CA TYR B 398 -0.29 0.55 -18.12
C TYR B 398 0.52 -0.72 -18.04
N VAL B 399 1.56 -0.82 -18.86
CA VAL B 399 2.55 -1.89 -18.78
C VAL B 399 3.93 -1.26 -18.76
N SER B 400 4.76 -1.67 -17.80
CA SER B 400 6.08 -1.09 -17.59
C SER B 400 7.20 -1.80 -18.33
N LYS B 401 7.17 -3.13 -18.40
CA LYS B 401 8.17 -3.90 -19.11
C LYS B 401 7.47 -4.82 -20.11
N LYS B 402 8.24 -5.43 -20.99
CA LYS B 402 7.68 -6.31 -22.00
C LYS B 402 6.93 -7.47 -21.36
N ASP B 403 7.64 -8.35 -20.65
CA ASP B 403 7.00 -9.48 -19.98
C ASP B 403 6.66 -9.07 -18.55
N SER B 404 5.78 -8.09 -18.44
CA SER B 404 5.38 -7.56 -17.14
C SER B 404 3.86 -7.49 -17.09
N GLU B 405 3.33 -7.48 -15.87
CA GLU B 405 1.88 -7.49 -15.68
C GLU B 405 1.26 -6.20 -16.18
N VAL B 406 0.08 -6.33 -16.78
CA VAL B 406 -0.69 -5.20 -17.25
C VAL B 406 -1.62 -4.76 -16.13
N ASN B 407 -1.60 -3.46 -15.82
CA ASN B 407 -2.45 -2.89 -14.79
C ASN B 407 -3.39 -1.88 -15.42
N MET B 408 -4.46 -1.58 -14.69
CA MET B 408 -5.24 -0.37 -14.94
C MET B 408 -4.74 0.68 -13.97
N CYS B 409 -4.80 1.93 -14.37
CA CYS B 409 -4.25 2.99 -13.55
C CYS B 409 -5.05 4.28 -13.72
N ALA B 410 -5.03 5.09 -12.68
CA ALA B 410 -5.52 6.45 -12.71
C ALA B 410 -4.35 7.41 -12.82
N LEU B 411 -4.46 8.34 -13.76
CA LEU B 411 -3.51 9.43 -13.94
C LEU B 411 -4.18 10.70 -13.42
N CYS B 412 -3.60 11.27 -12.38
CA CYS B 412 -4.01 12.53 -11.78
C CYS B 412 -3.07 13.65 -12.20
N PRO B 413 -3.57 14.72 -12.79
CA PRO B 413 -2.69 15.83 -13.16
C PRO B 413 -2.15 16.53 -11.92
N VAL B 414 -0.83 16.66 -11.87
CA VAL B 414 -0.15 17.23 -10.72
C VAL B 414 0.90 18.20 -11.23
N LEU B 415 1.26 19.15 -10.39
CA LEU B 415 2.28 20.14 -10.69
C LEU B 415 3.19 20.31 -9.49
N ILE B 416 4.49 20.38 -9.77
CA ILE B 416 5.53 20.46 -8.74
C ILE B 416 6.22 21.80 -8.86
N GLU B 417 6.37 22.50 -7.75
CA GLU B 417 6.95 23.82 -7.77
C GLU B 417 8.47 23.77 -7.74
N HIS B 418 9.10 24.35 -8.78
CA HIS B 418 10.54 24.51 -8.88
C HIS B 418 10.86 25.99 -8.77
N SER B 419 11.81 26.33 -7.91
CA SER B 419 12.23 27.72 -7.74
C SER B 419 12.82 28.29 -9.03
N ASN B 420 13.70 27.51 -9.67
CA ASN B 420 14.30 27.85 -10.97
C ASN B 420 15.28 29.01 -10.85
N ILE B 421 16.22 29.08 -11.80
CA ILE B 421 17.20 30.17 -11.78
C ILE B 421 16.51 31.52 -11.89
N ASN B 422 15.45 31.60 -12.70
CA ASN B 422 14.69 32.83 -12.84
C ASN B 422 13.96 33.16 -11.54
N SER B 423 13.64 34.43 -11.37
CA SER B 423 12.94 34.86 -10.15
C SER B 423 11.56 34.21 -10.05
N GLU B 424 10.84 34.11 -11.17
CA GLU B 424 9.52 33.50 -11.16
C GLU B 424 9.63 32.00 -10.98
N LYS B 425 8.83 31.45 -10.07
CA LYS B 425 8.77 30.02 -9.87
C LYS B 425 8.05 29.37 -11.06
N LYS B 426 8.37 28.09 -11.30
CA LYS B 426 7.77 27.36 -12.41
C LYS B 426 7.09 26.10 -11.86
N PHE B 427 5.85 25.88 -12.25
CA PHE B 427 5.14 24.66 -11.89
C PHE B 427 5.34 23.64 -13.00
N VAL B 428 6.18 22.63 -12.73
CA VAL B 428 6.43 21.57 -13.69
C VAL B 428 5.25 20.61 -13.71
N LYS B 429 4.78 20.29 -14.90
CA LYS B 429 3.57 19.47 -15.06
C LYS B 429 3.93 17.99 -15.12
N SER B 430 3.08 17.14 -14.54
CA SER B 430 3.26 15.71 -14.62
C SER B 430 1.93 15.03 -14.31
N LEU B 431 1.90 13.72 -14.52
CA LEU B 431 0.79 12.87 -14.13
C LEU B 431 1.22 12.02 -12.93
N THR B 432 0.26 11.62 -12.12
CA THR B 432 0.52 10.70 -11.03
C THR B 432 -0.31 9.45 -11.26
N LEU B 433 0.36 8.30 -11.33
CA LEU B 433 -0.24 7.05 -11.74
C LEU B 433 -0.38 6.12 -10.55
N CYS B 434 -1.60 5.65 -10.34
CA CYS B 434 -1.90 4.75 -9.23
C CYS B 434 -2.84 3.65 -9.71
N ARG B 435 -2.52 2.42 -9.36
CA ARG B 435 -3.21 1.26 -9.91
C ARG B 435 -4.66 1.19 -9.43
N LEU B 436 -5.52 0.68 -10.31
CA LEU B 436 -6.93 0.45 -10.09
C LEU B 436 -7.21 -1.04 -10.07
N PRO B 437 -8.24 -1.49 -9.35
CA PRO B 437 -8.50 -2.92 -9.24
C PRO B 437 -9.10 -3.53 -10.50
N PHE B 438 -8.85 -4.82 -10.66
CA PHE B 438 -9.43 -5.61 -11.74
C PHE B 438 -10.75 -6.23 -11.25
N ALA B 439 -11.28 -7.18 -12.02
CA ALA B 439 -12.46 -7.90 -11.56
C ALA B 439 -12.15 -8.80 -10.38
N GLU B 440 -11.01 -9.49 -10.43
CA GLU B 440 -10.67 -10.44 -9.37
C GLU B 440 -10.21 -9.74 -8.11
N ASP B 441 -9.93 -8.44 -8.19
CA ASP B 441 -9.53 -7.66 -7.02
C ASP B 441 -10.71 -7.20 -6.19
N GLU B 442 -11.92 -7.20 -6.73
CA GLU B 442 -13.07 -6.69 -6.02
C GLU B 442 -13.49 -7.65 -4.91
N ARG B 443 -13.66 -7.12 -3.70
CA ARG B 443 -14.06 -7.91 -2.55
C ARG B 443 -15.32 -7.36 -1.88
N VAL B 444 -15.99 -6.39 -2.49
CA VAL B 444 -17.09 -5.69 -1.83
C VAL B 444 -18.23 -6.67 -1.56
N THR B 445 -18.65 -6.73 -0.30
CA THR B 445 -19.77 -7.56 0.14
C THR B 445 -20.80 -6.67 0.82
N ASP B 446 -21.79 -7.31 1.43
CA ASP B 446 -22.88 -6.61 2.10
C ASP B 446 -22.62 -6.61 3.60
N PHE B 447 -22.57 -5.42 4.20
CA PHE B 447 -22.42 -5.29 5.62
C PHE B 447 -23.69 -4.71 6.23
N PRO B 448 -24.03 -5.09 7.46
CA PRO B 448 -25.24 -4.56 8.09
C PRO B 448 -25.21 -3.05 8.21
N LYS B 449 -26.36 -2.40 8.04
CA LYS B 449 -26.45 -0.95 8.09
C LYS B 449 -26.04 -0.42 9.46
N LEU B 450 -25.77 0.89 9.54
CA LEU B 450 -25.37 1.49 10.80
C LEU B 450 -26.39 2.52 11.26
N LEU B 451 -26.70 3.50 10.40
CA LEU B 451 -27.61 4.58 10.78
C LEU B 451 -29.00 4.05 11.10
N ASP B 452 -29.71 3.57 10.08
CA ASP B 452 -30.99 2.90 10.26
C ASP B 452 -30.83 1.39 10.20
N ARG B 453 -30.08 0.85 11.16
CA ARG B 453 -29.78 -0.58 11.14
C ARG B 453 -31.02 -1.39 11.47
N THR B 454 -31.18 -2.50 10.76
CA THR B 454 -32.30 -3.41 10.95
C THR B 454 -31.78 -4.78 11.38
N THR B 455 -32.71 -5.72 11.54
CA THR B 455 -32.34 -7.11 11.82
C THR B 455 -31.77 -7.76 10.58
N THR B 456 -31.44 -9.05 10.67
CA THR B 456 -30.95 -9.77 9.50
C THR B 456 -32.03 -9.84 8.42
N SER B 457 -33.27 -10.11 8.81
CA SER B 457 -34.37 -10.20 7.86
C SER B 457 -34.83 -8.83 7.36
N GLY B 458 -34.33 -7.75 7.93
CA GLY B 458 -34.71 -6.42 7.51
C GLY B 458 -35.74 -5.72 8.35
N VAL B 459 -36.00 -6.19 9.56
CA VAL B 459 -36.95 -5.57 10.48
C VAL B 459 -36.21 -4.50 11.27
N PRO B 460 -36.62 -3.23 11.20
CA PRO B 460 -35.86 -2.15 11.86
C PRO B 460 -35.73 -2.34 13.37
N LEU B 461 -34.58 -1.96 13.91
CA LEU B 461 -34.27 -2.04 15.33
C LEU B 461 -34.12 -0.63 15.88
N LYS B 462 -35.08 -0.22 16.72
CA LYS B 462 -35.02 1.09 17.34
C LYS B 462 -33.96 1.11 18.44
N LYS B 463 -32.87 1.82 18.20
CA LYS B 463 -31.74 1.86 19.12
C LYS B 463 -31.93 2.93 20.18
N GLU B 464 -31.57 2.59 21.42
CA GLU B 464 -31.63 3.51 22.55
C GLU B 464 -33.01 4.14 22.72
N THR B 465 -33.05 5.28 23.40
CA THR B 465 -34.32 5.98 23.57
C THR B 465 -34.26 7.43 23.10
N ASP B 466 -33.09 7.93 22.71
CA ASP B 466 -32.95 9.30 22.24
C ASP B 466 -31.74 9.39 21.33
N GLY B 467 -31.82 10.28 20.34
CA GLY B 467 -30.72 10.47 19.42
C GLY B 467 -30.25 11.90 19.35
N HIS B 468 -30.46 12.65 20.43
CA HIS B 468 -30.02 14.03 20.49
C HIS B 468 -28.78 14.16 21.37
N GLN B 469 -28.77 13.42 22.49
CA GLN B 469 -27.66 13.55 23.43
C GLN B 469 -26.37 12.97 22.87
N ILE B 470 -26.43 11.75 22.32
CA ILE B 470 -25.22 11.11 21.81
C ILE B 470 -24.70 11.84 20.57
N ASP B 471 -25.61 12.26 19.69
CA ASP B 471 -25.19 12.98 18.50
C ASP B 471 -24.55 14.32 18.84
N GLU B 472 -25.16 15.06 19.78
CA GLU B 472 -24.57 16.34 20.18
C GLU B 472 -23.23 16.13 20.86
N LEU B 473 -23.13 15.09 21.70
CA LEU B 473 -21.86 14.75 22.33
C LEU B 473 -20.79 14.50 21.29
N MET B 474 -21.10 13.69 20.28
CA MET B 474 -20.09 13.37 19.27
C MET B 474 -19.72 14.60 18.44
N GLU B 475 -20.70 15.45 18.12
CA GLU B 475 -20.40 16.66 17.34
C GLU B 475 -19.47 17.58 18.11
N GLN B 476 -19.76 17.82 19.39
CA GLN B 476 -18.88 18.67 20.18
C GLN B 476 -17.53 18.01 20.41
N PHE B 477 -17.50 16.67 20.54
CA PHE B 477 -16.23 15.96 20.68
C PHE B 477 -15.36 16.13 19.44
N VAL B 478 -15.95 16.00 18.25
CA VAL B 478 -15.16 16.14 17.03
C VAL B 478 -14.72 17.59 16.84
N ASP B 479 -15.55 18.55 17.26
CA ASP B 479 -15.13 19.93 17.17
C ASP B 479 -14.00 20.23 18.14
N SER B 480 -13.95 19.52 19.26
CA SER B 480 -12.90 19.76 20.27
C SER B 480 -11.52 19.34 19.77
N MET B 481 -11.44 18.36 18.88
CA MET B 481 -10.17 17.80 18.42
C MET B 481 -9.91 18.18 16.96
N ASP B 482 -10.48 19.28 16.51
CA ASP B 482 -10.36 19.70 15.11
C ASP B 482 -8.97 20.24 14.83
N THR B 483 -8.39 19.81 13.71
CA THR B 483 -7.06 20.29 13.30
C THR B 483 -7.13 21.04 11.98
N ASP B 484 -8.15 21.86 11.78
CA ASP B 484 -8.23 22.70 10.60
C ASP B 484 -7.55 24.05 10.79
N GLU B 485 -7.28 24.45 12.04
CA GLU B 485 -6.53 25.68 12.26
C GLU B 485 -5.09 25.56 11.77
N LEU B 486 -4.54 24.34 11.78
CA LEU B 486 -3.27 24.10 11.13
C LEU B 486 -3.43 24.28 9.63
N PRO B 487 -2.49 24.93 8.97
CA PRO B 487 -2.61 25.12 7.51
C PRO B 487 -2.34 23.83 6.76
N GLU B 488 -2.51 23.85 5.44
CA GLU B 488 -2.13 22.72 4.61
C GLU B 488 -1.11 23.20 3.60
N ILE B 489 -0.13 22.36 3.31
CA ILE B 489 0.90 22.70 2.33
C ILE B 489 0.23 22.81 0.96
N PRO B 490 0.51 23.86 0.20
CA PRO B 490 -0.18 24.03 -1.08
C PRO B 490 0.13 22.92 -2.06
N LEU B 491 -0.80 22.62 -2.96
CA LEU B 491 -0.60 21.62 -4.00
C LEU B 491 0.43 22.20 -4.98
N GLY B 492 1.60 21.58 -5.00
CA GLY B 492 2.71 22.11 -5.77
C GLY B 492 4.02 21.96 -5.03
N ASN B 493 3.95 22.00 -3.71
CA ASN B 493 5.11 21.75 -2.85
C ASN B 493 5.03 20.41 -2.15
N TYR B 494 3.96 19.64 -2.36
CA TYR B 494 3.85 18.31 -1.74
C TYR B 494 4.98 17.41 -2.21
N TYR B 495 5.25 17.42 -3.50
CA TYR B 495 6.37 16.69 -4.08
C TYR B 495 7.50 17.68 -4.31
N GLN B 496 8.67 17.37 -3.78
CA GLN B 496 9.76 18.31 -3.85
C GLN B 496 10.79 17.85 -4.87
N PRO B 497 11.26 18.74 -5.73
CA PRO B 497 12.28 18.36 -6.72
C PRO B 497 13.54 17.84 -6.03
N ILE B 498 14.11 16.79 -6.60
CA ILE B 498 15.31 16.19 -6.01
C ILE B 498 16.51 17.11 -6.10
N GLY B 499 16.57 17.99 -7.08
CA GLY B 499 17.68 18.92 -7.18
C GLY B 499 17.70 19.92 -6.04
N GLU B 500 16.53 20.37 -5.60
CA GLU B 500 16.45 21.35 -4.54
C GLU B 500 16.84 20.78 -3.18
N VAL B 501 16.98 19.45 -3.07
CA VAL B 501 17.38 18.80 -1.83
C VAL B 501 18.77 18.21 -1.94
N THR B 502 19.55 18.60 -2.94
CA THR B 502 20.92 18.16 -3.09
C THR B 502 21.87 19.28 -2.65
N THR B 503 22.87 18.93 -1.86
CA THR B 503 23.84 19.87 -1.36
C THR B 503 25.24 19.44 -1.78
N ASP B 504 26.16 20.39 -1.80
CA ASP B 504 27.53 20.16 -2.22
C ASP B 504 28.30 19.23 -1.27
N THR B 505 27.77 18.98 -0.08
CA THR B 505 28.41 18.12 0.89
C THR B 505 27.34 17.41 1.73
N THR B 506 27.75 16.30 2.34
CA THR B 506 26.86 15.54 3.21
C THR B 506 26.94 15.98 4.67
N LEU B 507 27.63 17.08 4.94
CA LEU B 507 27.74 17.59 6.30
C LEU B 507 26.37 18.06 6.79
N PRO B 508 25.93 17.68 7.98
CA PRO B 508 24.64 18.17 8.49
C PRO B 508 24.67 19.66 8.77
N LEU B 509 23.89 20.41 7.98
CA LEU B 509 23.79 21.85 8.13
C LEU B 509 22.32 22.23 8.12
N PRO B 510 21.94 23.35 8.74
CA PRO B 510 20.51 23.65 8.89
C PRO B 510 19.85 24.27 7.66
N SER B 511 20.16 23.72 6.47
CA SER B 511 19.44 24.04 5.24
C SER B 511 19.73 25.45 4.73
N LEU B 512 20.02 25.58 3.44
CA LEU B 512 20.33 26.86 2.81
C LEU B 512 19.10 27.53 2.21
N ASN B 513 17.91 26.98 2.43
CA ASN B 513 16.70 27.48 1.80
C ASN B 513 15.88 28.25 2.83
N LYS B 514 15.56 29.51 2.50
CA LYS B 514 14.74 30.33 3.38
C LYS B 514 13.29 29.83 3.42
N ASP B 515 12.86 29.11 2.39
CA ASP B 515 11.50 28.61 2.32
C ASP B 515 11.29 27.35 3.15
N GLN B 516 12.34 26.79 3.74
CA GLN B 516 12.21 25.62 4.59
C GLN B 516 11.65 25.96 5.97
N GLU B 517 11.52 27.24 6.30
CA GLU B 517 10.95 27.64 7.58
C GLU B 517 9.47 27.28 7.62
N GLU B 518 8.98 27.00 8.84
CA GLU B 518 7.59 26.64 9.08
C GLU B 518 7.20 25.43 8.24
N ASN B 519 8.05 24.41 8.20
CA ASN B 519 7.78 23.22 7.41
C ASN B 519 7.15 22.12 8.25
N LYS B 520 6.80 22.45 9.49
CA LYS B 520 6.29 21.43 10.42
C LYS B 520 5.00 21.97 11.03
N LYS B 521 3.93 21.97 10.23
CA LYS B 521 2.61 22.36 10.73
C LYS B 521 1.48 21.61 10.05
N ASP B 522 1.78 20.55 9.29
CA ASP B 522 0.74 19.72 8.69
C ASP B 522 0.60 18.44 9.49
N PRO B 523 -0.59 18.16 10.03
CA PRO B 523 -0.75 16.96 10.86
C PRO B 523 -0.49 15.65 10.13
N LEU B 524 -0.75 15.60 8.82
CA LEU B 524 -0.60 14.38 8.04
C LEU B 524 0.84 14.12 7.61
N ARG B 525 1.62 15.18 7.38
CA ARG B 525 3.00 15.03 6.93
C ARG B 525 3.90 14.96 8.15
N ILE B 526 4.20 13.74 8.59
CA ILE B 526 5.06 13.54 9.76
C ILE B 526 6.18 12.59 9.40
N PRO B 527 7.33 12.74 10.06
CA PRO B 527 8.45 11.83 9.81
C PRO B 527 8.18 10.42 10.28
N THR B 528 8.93 9.44 9.76
CA THR B 528 8.78 8.06 10.18
C THR B 528 9.17 7.97 11.64
N VAL B 529 8.15 7.81 12.49
CA VAL B 529 8.38 7.83 13.93
C VAL B 529 9.17 6.61 14.39
N PHE B 530 8.86 5.44 13.83
CA PHE B 530 9.57 4.23 14.23
C PHE B 530 11.03 4.29 13.79
N VAL B 531 11.29 4.75 12.57
CA VAL B 531 12.66 4.83 12.08
C VAL B 531 13.49 5.80 12.91
N TYR B 532 12.95 7.01 13.14
CA TYR B 532 13.69 8.00 13.92
C TYR B 532 13.86 7.54 15.36
N ARG B 533 12.84 6.90 15.92
CA ARG B 533 12.94 6.42 17.29
C ARG B 533 14.04 5.38 17.42
N GLN B 534 14.11 4.45 16.47
CA GLN B 534 15.17 3.44 16.50
C GLN B 534 16.54 4.09 16.33
N GLN B 535 16.67 5.05 15.41
CA GLN B 535 17.95 5.72 15.22
C GLN B 535 18.37 6.46 16.49
N GLN B 536 17.43 7.15 17.13
CA GLN B 536 17.72 7.88 18.36
C GLN B 536 18.15 6.92 19.47
N VAL B 537 17.47 5.78 19.59
CA VAL B 537 17.84 4.82 20.61
C VAL B 537 19.23 4.26 20.36
N LEU B 538 19.55 3.98 19.09
CA LEU B 538 20.89 3.47 18.78
C LEU B 538 21.96 4.51 19.05
N LEU B 539 21.71 5.76 18.68
CA LEU B 539 22.67 6.83 18.95
C LEU B 539 22.89 7.01 20.44
N GLU B 540 21.81 6.97 21.22
CA GLU B 540 21.95 7.13 22.66
C GLU B 540 22.62 5.93 23.30
N TRP B 541 22.38 4.73 22.78
CA TRP B 541 23.07 3.55 23.29
C TRP B 541 24.56 3.65 23.05
N ILE B 542 24.95 4.09 21.85
CA ILE B 542 26.37 4.29 21.54
C ILE B 542 26.95 5.36 22.45
N HIS B 543 26.24 6.46 22.62
CA HIS B 543 26.74 7.59 23.41
C HIS B 543 26.93 7.20 24.87
N GLN B 544 25.96 6.50 25.46
CA GLN B 544 25.99 6.26 26.89
C GLN B 544 26.91 5.10 27.25
N LEU B 545 26.77 3.97 26.57
CA LEU B 545 27.53 2.78 26.95
C LEU B 545 28.93 2.76 26.35
N MET B 546 29.03 3.06 25.05
CA MET B 546 30.29 2.87 24.35
C MET B 546 31.33 3.95 24.65
N ILE B 547 30.91 5.20 24.81
CA ILE B 547 31.88 6.27 25.04
C ILE B 547 31.79 6.75 26.49
N ASN B 548 30.58 7.06 26.95
CA ASN B 548 30.44 7.56 28.33
C ASN B 548 30.72 6.46 29.34
N ASP B 549 30.58 5.20 28.93
CA ASP B 549 30.79 4.04 29.81
C ASP B 549 29.88 4.12 31.04
N SER B 550 28.60 4.41 30.80
CA SER B 550 27.62 4.35 31.87
C SER B 550 27.32 2.89 32.20
N ARG B 551 26.40 2.69 33.14
CA ARG B 551 26.16 1.34 33.63
C ARG B 551 24.77 0.81 33.28
N GLU B 552 23.84 1.64 32.81
CA GLU B 552 22.50 1.21 32.46
C GLU B 552 21.97 2.13 31.38
N PHE B 553 21.45 1.55 30.30
CA PHE B 553 20.93 2.36 29.21
C PHE B 553 19.70 3.12 29.67
N GLU B 554 19.85 4.41 29.91
CA GLU B 554 18.75 5.28 30.30
C GLU B 554 18.02 5.70 29.04
N ILE B 555 16.91 5.03 28.75
CA ILE B 555 16.19 5.20 27.50
C ILE B 555 15.71 6.64 27.39
N PRO B 556 16.08 7.35 26.33
CA PRO B 556 15.60 8.73 26.15
C PRO B 556 14.11 8.74 25.83
N GLU B 557 13.48 9.85 26.21
CA GLU B 557 12.09 10.07 25.86
C GLU B 557 11.97 10.56 24.43
N LEU B 558 10.84 10.25 23.81
CA LEU B 558 10.57 10.72 22.46
C LEU B 558 10.53 12.25 22.46
N PRO B 559 11.12 12.88 21.46
CA PRO B 559 11.13 14.35 21.41
C PRO B 559 9.72 14.92 21.31
N ASP B 560 9.55 16.10 21.90
CA ASP B 560 8.24 16.74 21.94
C ASP B 560 7.72 17.08 20.55
N SER B 561 8.58 17.52 19.64
CA SER B 561 8.12 17.82 18.29
C SER B 561 7.60 16.58 17.58
N LEU B 562 8.27 15.44 17.78
CA LEU B 562 7.82 14.19 17.19
C LEU B 562 6.61 13.62 17.94
N LYS B 563 6.58 13.81 19.26
CA LYS B 563 5.46 13.30 20.05
C LYS B 563 4.17 14.04 19.73
N ASN B 564 4.27 15.34 19.44
CA ASN B 564 3.07 16.15 19.23
C ASN B 564 2.25 15.65 18.06
N LYS B 565 2.90 15.19 16.99
CA LYS B 565 2.17 14.76 15.79
C LYS B 565 1.52 13.39 15.94
N ILE B 566 1.88 12.63 16.97
CA ILE B 566 1.29 11.31 17.18
C ILE B 566 0.52 11.29 18.48
N SER B 567 0.10 12.47 18.93
CA SER B 567 -0.67 12.62 20.16
C SER B 567 -1.90 13.44 19.88
N PRO B 568 -2.99 13.22 20.61
CA PRO B 568 -4.24 13.92 20.31
C PRO B 568 -4.11 15.43 20.35
N TYR B 569 -4.74 16.11 19.40
CA TYR B 569 -4.66 17.56 19.33
C TYR B 569 -5.65 18.20 20.28
N THR B 570 -5.75 19.53 20.24
CA THR B 570 -6.72 20.25 21.06
C THR B 570 -7.06 21.59 20.41
N HIS B 571 -8.25 21.68 19.83
CA HIS B 571 -8.72 22.93 19.26
C HIS B 571 -9.44 23.73 20.33
N LYS B 572 -10.49 23.14 20.91
CA LYS B 572 -11.19 23.71 22.04
C LYS B 572 -11.46 22.62 23.07
N LYS B 573 -11.63 23.03 24.33
CA LYS B 573 -11.87 22.06 25.38
C LYS B 573 -13.33 21.61 25.38
N PHE B 574 -13.52 20.32 25.65
CA PHE B 574 -14.85 19.73 25.76
C PHE B 574 -14.78 18.46 26.59
N ASP B 575 -15.81 18.22 27.40
CA ASP B 575 -15.82 17.13 28.36
C ASP B 575 -16.75 16.03 27.88
N SER B 576 -16.20 14.84 27.66
CA SER B 576 -16.98 13.67 27.27
C SER B 576 -17.11 12.64 28.40
N THR B 577 -17.06 13.07 29.66
CA THR B 577 -17.04 12.15 30.79
C THR B 577 -18.38 11.42 30.97
N LYS B 578 -19.39 11.85 30.22
CA LYS B 578 -20.74 11.31 30.34
C LYS B 578 -20.81 9.79 30.23
N LEU B 579 -20.01 9.18 29.36
CA LEU B 579 -20.05 7.73 29.21
C LEU B 579 -19.64 7.02 30.48
N VAL B 580 -18.51 7.42 31.08
CA VAL B 580 -18.06 6.80 32.32
C VAL B 580 -19.02 7.15 33.46
N GLU B 581 -19.53 8.38 33.48
CA GLU B 581 -20.45 8.81 34.52
C GLU B 581 -21.71 7.94 34.53
N VAL B 582 -22.25 7.65 33.35
CA VAL B 582 -23.41 6.77 33.25
C VAL B 582 -23.04 5.32 33.55
N LEU B 583 -21.87 4.85 33.09
CA LEU B 583 -21.48 3.48 33.35
C LEU B 583 -21.22 3.24 34.83
N GLY B 584 -20.45 4.12 35.47
CA GLY B 584 -20.17 3.98 36.88
C GLY B 584 -18.92 3.19 37.17
N ILE B 585 -18.00 3.76 37.95
CA ILE B 585 -16.74 3.11 38.30
C ILE B 585 -16.82 2.72 39.77
N LYS B 586 -16.74 1.41 40.02
CA LYS B 586 -16.75 0.88 41.39
C LYS B 586 -15.99 -0.43 41.41
N LYS B 587 -15.27 -0.69 42.51
CA LYS B 587 -14.57 -1.96 42.66
C LYS B 587 -15.54 -3.05 43.08
N VAL B 588 -15.80 -3.99 42.18
CA VAL B 588 -16.73 -5.08 42.45
C VAL B 588 -15.97 -6.26 43.06
#